data_8BTJ
#
_entry.id   8BTJ
#
_cell.length_a   59.090
_cell.length_b   130.711
_cell.length_c   67.827
_cell.angle_alpha   90.000
_cell.angle_beta   101.260
_cell.angle_gamma   90.000
#
_symmetry.space_group_name_H-M   'P 1 21 1'
#
loop_
_entity.id
_entity.type
_entity.pdbx_description
1 polymer 'Protein M35'
2 non-polymer (R,R)-2,3-BUTANEDIOL
3 non-polymer 'MALONATE ION'
4 water water
#
_entity_poly.entity_id   1
_entity_poly.type   'polypeptide(L)'
_entity_poly.pdbx_seq_one_letter_code
;GSAAPTEEDPRRDTSLMINERCNFPHNMLSEENINFIQDAVCNGDLGAVAALNSGLPMAPYMLEALLAVRVKHRLTKVRQ
TLEPVICYTISVAHLINGTRILRSATAKHATAWGPNDKHRAESGLRRIYRALNLEDNPFDLVEAVGDLDLSQGAYEGYVR
HIYSLMKSLGHDVGHLSRSLDYSTMTVFNYLYESPLFTSQEAVTMYSRNLAGITKMSREPFETLSVVHRSKEPPEILNDM
LFLLSVGRMIVLHQESLRALRKNLILTASALCSILYTAYTQVPETKSLFREVAHEAHALLSSRSPDTPNFRPFVACMLQF
IKQIIAADVYTCPRYLTNQILAVTARMHGLEGAAMGHDDDLDIEVDPGNPYSAKYRMNNPYNDQNIFKCPRSLVHYVGDA
LFKKTMTQELLVSCTDQEATYQTYELPSVSELVGEGVAKRAHLTPDQLSHYLS
;
_entity_poly.pdbx_strand_id   A,B
#
loop_
_chem_comp.id
_chem_comp.type
_chem_comp.name
_chem_comp.formula
BU3 non-polymer (R,R)-2,3-BUTANEDIOL 'C4 H10 O2'
MLI non-polymer 'MALONATE ION' 'C3 H2 O4 -2'
#
# COMPACT_ATOMS: atom_id res chain seq x y z
N ASP A 9 18.03 33.76 2.45
CA ASP A 9 17.55 33.04 3.65
C ASP A 9 16.65 31.83 3.35
N PRO A 10 17.26 30.68 3.07
CA PRO A 10 16.46 29.49 2.74
C PRO A 10 15.53 29.01 3.84
N ARG A 11 15.70 29.44 5.08
CA ARG A 11 14.87 28.94 6.17
C ARG A 11 13.57 29.72 6.36
N ARG A 12 13.35 30.83 5.67
CA ARG A 12 12.12 31.59 5.83
C ARG A 12 11.42 31.94 4.51
N ASP A 13 12.04 31.67 3.36
CA ASP A 13 11.43 31.94 2.07
C ASP A 13 10.55 30.76 1.67
N THR A 14 10.13 30.71 0.40
CA THR A 14 9.21 29.68 -0.08
C THR A 14 9.94 28.45 -0.58
N SER A 15 11.24 28.32 -0.29
CA SER A 15 12.02 27.22 -0.87
C SER A 15 11.81 25.94 -0.08
N LEU A 16 11.93 24.82 -0.77
CA LEU A 16 11.95 23.50 -0.15
C LEU A 16 13.40 23.15 0.21
N MET A 17 13.66 23.02 1.52
CA MET A 17 14.95 22.61 2.02
C MET A 17 15.03 21.08 2.17
N ILE A 18 16.16 20.52 1.73
CA ILE A 18 16.51 19.12 1.87
C ILE A 18 18.00 19.08 2.16
N ASN A 19 18.40 18.45 3.28
CA ASN A 19 19.79 18.35 3.68
C ASN A 19 20.42 17.07 3.13
N GLU A 20 21.58 16.72 3.68
CA GLU A 20 22.39 15.62 3.18
C GLU A 20 21.73 14.28 3.45
N ARG A 21 20.89 14.23 4.49
CA ARG A 21 20.30 13.00 4.98
C ARG A 21 18.85 12.83 4.54
N CYS A 22 18.46 13.44 3.42
CA CYS A 22 17.07 13.38 2.96
C CYS A 22 16.10 13.89 4.03
N ASN A 23 16.55 14.86 4.85
CA ASN A 23 15.81 15.45 5.97
C ASN A 23 15.54 14.47 7.10
N PHE A 24 16.15 13.29 7.11
CA PHE A 24 16.11 12.50 8.33
C PHE A 24 16.76 13.28 9.48
N PRO A 25 16.27 13.16 10.71
CA PRO A 25 16.99 13.81 11.78
C PRO A 25 18.35 13.16 11.97
N HIS A 26 19.26 13.93 12.55
CA HIS A 26 20.53 13.39 12.99
C HIS A 26 20.31 12.45 14.18
N ASN A 27 21.17 11.44 14.27
CA ASN A 27 21.14 10.45 15.32
C ASN A 27 19.80 9.71 15.40
N MET A 28 19.20 9.45 14.24
CA MET A 28 18.13 8.45 14.25
C MET A 28 18.50 7.21 13.49
N LEU A 29 19.24 7.30 12.38
CA LEU A 29 19.55 6.15 11.54
C LEU A 29 21.06 6.10 11.28
N SER A 30 21.58 4.90 11.04
CA SER A 30 22.93 4.77 10.55
C SER A 30 23.06 5.41 9.17
N GLU A 31 24.26 5.88 8.85
CA GLU A 31 24.52 6.31 7.48
C GLU A 31 24.12 5.23 6.48
N GLU A 32 24.48 3.97 6.76
CA GLU A 32 24.11 2.87 5.87
C GLU A 32 22.61 2.82 5.65
N ASN A 33 21.82 2.88 6.73
CA ASN A 33 20.37 2.81 6.62
C ASN A 33 19.79 4.02 5.90
N ILE A 34 20.35 5.20 6.14
CA ILE A 34 19.93 6.33 5.32
C ILE A 34 20.22 6.03 3.85
N ASN A 35 21.39 5.48 3.54
CA ASN A 35 21.70 5.25 2.13
C ASN A 35 20.78 4.17 1.56
N PHE A 36 20.56 3.12 2.33
CA PHE A 36 19.67 2.04 1.93
C PHE A 36 18.30 2.58 1.54
N ILE A 37 17.73 3.48 2.35
CA ILE A 37 16.36 3.91 2.07
C ILE A 37 16.33 4.78 0.83
N GLN A 38 17.29 5.71 0.71
CA GLN A 38 17.39 6.52 -0.50
C GLN A 38 17.53 5.67 -1.77
N ASP A 39 18.35 4.63 -1.72
CA ASP A 39 18.55 3.80 -2.89
C ASP A 39 17.34 2.91 -3.20
N ALA A 40 16.57 2.56 -2.17
CA ALA A 40 15.43 1.67 -2.36
C ALA A 40 14.20 2.39 -2.93
N VAL A 41 14.03 3.68 -2.69
CA VAL A 41 12.80 4.41 -3.00
C VAL A 41 12.85 4.91 -4.45
N CYS A 42 11.70 4.86 -5.16
CA CYS A 42 11.62 5.39 -6.52
C CYS A 42 12.16 6.80 -6.52
N ASN A 43 12.94 7.15 -7.55
CA ASN A 43 13.56 8.47 -7.54
C ASN A 43 12.50 9.56 -7.55
N GLY A 44 11.40 9.32 -8.27
CA GLY A 44 10.31 10.26 -8.33
C GLY A 44 9.66 10.52 -7.00
N ASP A 45 9.83 9.63 -6.03
CA ASP A 45 9.23 9.81 -4.70
C ASP A 45 10.16 10.42 -3.66
N LEU A 46 11.44 10.67 -3.99
CA LEU A 46 12.39 11.09 -2.93
C LEU A 46 12.04 12.46 -2.38
N GLY A 47 11.40 13.32 -3.17
CA GLY A 47 11.07 14.63 -2.65
C GLY A 47 9.97 14.58 -1.63
N ALA A 48 9.04 13.67 -1.79
CA ALA A 48 7.94 13.56 -0.83
C ALA A 48 8.44 12.96 0.49
N VAL A 49 9.37 12.01 0.41
CA VAL A 49 10.00 11.48 1.59
C VAL A 49 10.68 12.60 2.36
N ALA A 50 11.45 13.42 1.64
CA ALA A 50 12.16 14.49 2.31
C ALA A 50 11.17 15.44 2.96
N ALA A 51 10.03 15.68 2.31
CA ALA A 51 9.08 16.63 2.89
C ALA A 51 8.39 16.06 4.12
N LEU A 52 8.00 14.78 4.05
CA LEU A 52 7.35 14.16 5.19
C LEU A 52 8.34 13.95 6.32
N ASN A 53 9.60 13.66 5.98
CA ASN A 53 10.62 13.47 6.99
C ASN A 53 10.80 14.73 7.80
N SER A 54 10.55 15.89 7.18
CA SER A 54 10.84 17.22 7.77
C SER A 54 10.03 17.50 9.01
N GLY A 55 8.94 16.80 9.24
CA GLY A 55 8.10 17.11 10.39
C GLY A 55 7.04 18.12 10.12
N LEU A 56 6.93 18.61 8.84
CA LEU A 56 5.85 19.47 8.36
C LEU A 56 4.57 19.26 9.12
N PRO A 57 4.13 20.20 9.95
CA PRO A 57 3.05 19.89 10.84
C PRO A 57 1.79 19.53 10.08
N MET A 58 1.25 18.37 10.45
CA MET A 58 0.06 17.83 9.84
C MET A 58 -0.61 16.86 10.81
N ALA A 59 -1.90 16.62 10.60
CA ALA A 59 -2.64 15.59 11.31
C ALA A 59 -2.08 14.20 10.97
N PRO A 60 -2.21 13.24 11.88
CA PRO A 60 -1.69 11.90 11.60
C PRO A 60 -2.38 11.27 10.42
N TYR A 61 -3.68 11.54 10.23
CA TYR A 61 -4.35 10.98 9.07
C TYR A 61 -3.88 11.63 7.78
N MET A 62 -3.34 12.86 7.83
CA MET A 62 -2.78 13.37 6.60
C MET A 62 -1.46 12.71 6.31
N LEU A 63 -0.66 12.46 7.34
CA LEU A 63 0.58 11.73 7.15
C LEU A 63 0.28 10.39 6.52
N GLU A 64 -0.68 9.66 7.09
N GLU A 64 -0.68 9.66 7.08
CA GLU A 64 -0.99 8.33 6.57
CA GLU A 64 -0.98 8.32 6.58
C GLU A 64 -1.44 8.42 5.11
C GLU A 64 -1.50 8.37 5.15
N ALA A 65 -2.29 9.39 4.79
CA ALA A 65 -2.78 9.48 3.42
C ALA A 65 -1.68 9.91 2.45
N LEU A 66 -0.69 10.67 2.91
CA LEU A 66 0.34 11.16 1.99
C LEU A 66 1.47 10.15 1.79
N LEU A 67 1.46 9.07 2.55
CA LEU A 67 2.56 8.13 2.58
C LEU A 67 2.41 7.12 1.46
N ALA A 68 2.56 7.62 0.25
CA ALA A 68 2.46 6.74 -0.91
C ALA A 68 3.83 6.52 -1.52
N VAL A 69 4.71 5.88 -0.78
CA VAL A 69 6.12 5.79 -1.17
C VAL A 69 6.31 4.46 -1.85
N ARG A 70 6.90 4.46 -3.05
N ARG A 70 6.86 4.47 -3.08
CA ARG A 70 7.14 3.25 -3.80
CA ARG A 70 7.14 3.26 -3.84
C ARG A 70 8.63 2.90 -3.82
C ARG A 70 8.63 2.92 -3.80
N VAL A 71 8.94 1.61 -3.74
CA VAL A 71 10.29 1.13 -3.91
C VAL A 71 10.55 0.88 -5.38
N LYS A 72 11.83 0.81 -5.75
CA LYS A 72 12.17 0.63 -7.15
C LYS A 72 11.69 -0.73 -7.64
N HIS A 73 11.56 -0.84 -8.95
CA HIS A 73 11.03 -2.08 -9.52
C HIS A 73 11.88 -3.27 -9.13
N ARG A 74 13.20 -3.08 -8.96
CA ARG A 74 14.08 -4.19 -8.62
C ARG A 74 13.79 -4.75 -7.23
N LEU A 75 13.10 -3.99 -6.38
CA LEU A 75 12.70 -4.53 -5.07
C LEU A 75 11.25 -5.02 -5.07
N THR A 76 10.71 -5.30 -6.24
CA THR A 76 9.29 -5.69 -6.31
C THR A 76 8.98 -6.84 -5.35
N LYS A 77 9.90 -7.77 -5.19
CA LYS A 77 9.52 -9.01 -4.48
C LYS A 77 9.22 -8.74 -3.01
N VAL A 78 9.82 -7.73 -2.44
CA VAL A 78 9.66 -7.42 -1.02
C VAL A 78 8.82 -6.19 -0.82
N ARG A 79 8.28 -5.64 -1.91
N ARG A 79 8.21 -5.68 -1.90
CA ARG A 79 7.45 -4.43 -1.82
CA ARG A 79 7.46 -4.42 -1.82
C ARG A 79 6.53 -4.49 -0.61
C ARG A 79 6.39 -4.42 -0.74
N GLN A 80 5.77 -5.57 -0.46
CA GLN A 80 4.69 -5.62 0.54
C GLN A 80 5.21 -5.66 1.97
N THR A 81 6.49 -5.89 2.17
CA THR A 81 7.06 -5.74 3.49
C THR A 81 8.00 -4.55 3.58
N LEU A 82 8.74 -4.26 2.52
CA LEU A 82 9.67 -3.14 2.60
C LEU A 82 8.93 -1.80 2.59
N GLU A 83 7.84 -1.68 1.86
CA GLU A 83 7.21 -0.37 1.84
C GLU A 83 6.61 -0.03 3.20
N PRO A 84 5.95 -0.95 3.87
CA PRO A 84 5.51 -0.64 5.25
C PRO A 84 6.65 -0.28 6.20
N VAL A 85 7.78 -1.00 6.14
CA VAL A 85 8.94 -0.64 6.95
C VAL A 85 9.42 0.79 6.68
N ILE A 86 9.50 1.17 5.41
CA ILE A 86 10.01 2.50 5.05
C ILE A 86 9.02 3.58 5.50
N CYS A 87 7.74 3.31 5.27
CA CYS A 87 6.71 4.26 5.64
C CYS A 87 6.65 4.44 7.16
N TYR A 88 6.89 3.38 7.92
CA TYR A 88 7.03 3.53 9.36
C TYR A 88 8.25 4.37 9.70
N THR A 89 9.37 4.12 9.00
CA THR A 89 10.59 4.83 9.31
C THR A 89 10.43 6.31 9.03
N ILE A 90 9.81 6.65 7.88
CA ILE A 90 9.49 8.07 7.61
C ILE A 90 8.61 8.65 8.69
N SER A 91 7.56 7.92 9.11
CA SER A 91 6.68 8.45 10.14
C SER A 91 7.44 8.73 11.43
N VAL A 92 8.47 7.94 11.71
CA VAL A 92 9.26 8.15 12.91
C VAL A 92 10.11 9.40 12.77
N ALA A 93 10.73 9.58 11.60
CA ALA A 93 11.49 10.80 11.31
C ALA A 93 10.57 12.01 11.41
N HIS A 94 9.35 11.87 10.91
CA HIS A 94 8.37 12.95 11.01
C HIS A 94 8.10 13.28 12.46
N LEU A 95 7.93 12.27 13.29
CA LEU A 95 7.60 12.52 14.70
C LEU A 95 8.76 13.21 15.42
N ILE A 96 9.99 12.71 15.20
CA ILE A 96 11.17 13.28 15.87
C ILE A 96 11.35 14.73 15.47
N ASN A 97 11.33 15.00 14.16
CA ASN A 97 11.53 16.38 13.70
C ASN A 97 10.37 17.25 14.10
N GLY A 98 9.14 16.72 14.07
CA GLY A 98 8.01 17.57 14.36
C GLY A 98 8.00 18.00 15.82
N THR A 99 8.59 17.17 16.67
CA THR A 99 8.68 17.45 18.09
C THR A 99 9.64 18.60 18.31
N ARG A 100 10.76 18.62 17.59
CA ARG A 100 11.64 19.75 17.63
C ARG A 100 10.97 21.00 17.11
N ILE A 101 10.16 20.88 16.04
CA ILE A 101 9.42 22.03 15.52
C ILE A 101 8.50 22.58 16.59
N LEU A 102 7.72 21.69 17.22
CA LEU A 102 6.72 22.10 18.22
C LEU A 102 7.38 22.83 19.39
N ARG A 103 8.49 22.29 19.90
N ARG A 103 8.48 22.26 19.91
CA ARG A 103 9.18 22.94 21.01
CA ARG A 103 9.20 22.92 20.99
C ARG A 103 9.72 24.31 20.58
C ARG A 103 9.66 24.31 20.56
N SER A 104 10.30 24.38 19.39
CA SER A 104 10.84 25.64 18.91
C SER A 104 9.72 26.65 18.65
N ALA A 105 8.66 26.23 17.97
CA ALA A 105 7.51 27.11 17.78
C ALA A 105 6.95 27.59 19.11
N THR A 106 6.82 26.70 20.09
CA THR A 106 6.29 27.11 21.38
C THR A 106 7.12 28.24 21.99
N ALA A 107 8.46 28.11 21.94
CA ALA A 107 9.38 29.16 22.42
C ALA A 107 9.23 30.46 21.63
N LYS A 108 9.26 30.39 20.30
CA LYS A 108 9.04 31.58 19.49
C LYS A 108 7.75 32.28 19.86
N HIS A 109 6.67 31.52 20.03
CA HIS A 109 5.37 32.11 20.35
C HIS A 109 5.38 32.77 21.72
N ALA A 110 6.05 32.13 22.68
CA ALA A 110 6.05 32.72 24.02
C ALA A 110 6.94 33.95 24.11
N THR A 111 7.93 34.09 23.23
CA THR A 111 8.90 35.17 23.34
C THR A 111 8.84 36.15 22.17
N ALA A 112 7.85 36.04 21.28
CA ALA A 112 7.73 36.98 20.15
C ALA A 112 7.73 38.42 20.61
N TRP A 113 7.09 38.67 21.75
CA TRP A 113 6.97 39.99 22.32
C TRP A 113 7.53 39.97 23.73
N GLY A 114 8.49 40.83 23.98
CA GLY A 114 9.03 41.04 25.32
C GLY A 114 8.19 42.06 26.04
N PRO A 115 8.60 42.43 27.26
CA PRO A 115 7.81 43.40 28.04
C PRO A 115 7.51 44.68 27.27
N ASN A 116 8.54 45.25 26.64
CA ASN A 116 8.33 46.48 25.88
C ASN A 116 7.38 46.30 24.69
N ASP A 117 7.37 45.12 24.02
CA ASP A 117 6.47 44.91 22.88
C ASP A 117 5.02 44.72 23.34
N LYS A 118 4.83 44.03 24.47
CA LYS A 118 3.49 43.93 25.05
C LYS A 118 2.96 45.30 25.44
N HIS A 119 3.84 46.13 26.02
CA HIS A 119 3.43 47.50 26.37
C HIS A 119 3.02 48.29 25.15
N ARG A 120 3.83 48.25 24.08
CA ARG A 120 3.45 48.91 22.80
C ARG A 120 2.09 48.44 22.27
N ALA A 121 1.85 47.14 22.20
CA ALA A 121 0.51 46.66 21.80
C ALA A 121 -0.56 47.14 22.76
N GLU A 122 -0.32 47.07 24.06
CA GLU A 122 -1.40 47.42 25.00
C GLU A 122 -1.69 48.91 24.97
N SER A 123 -0.65 49.73 24.76
CA SER A 123 -0.87 51.16 24.63
C SER A 123 -1.67 51.46 23.36
N GLY A 124 -1.26 50.90 22.23
CA GLY A 124 -2.03 51.11 20.99
C GLY A 124 -3.46 50.63 21.11
N LEU A 125 -3.67 49.55 21.85
CA LEU A 125 -5.02 49.04 22.02
C LEU A 125 -5.84 49.93 22.94
N ARG A 126 -5.23 50.48 24.00
CA ARG A 126 -5.91 51.53 24.78
C ARG A 126 -6.40 52.64 23.85
N ARG A 127 -5.51 53.14 23.00
CA ARG A 127 -5.92 54.18 22.06
C ARG A 127 -7.17 53.75 21.27
N ILE A 128 -7.22 52.49 20.84
CA ILE A 128 -8.37 52.00 20.07
C ILE A 128 -9.63 51.97 20.94
N TYR A 129 -9.55 51.34 22.11
CA TYR A 129 -10.75 51.23 22.94
C TYR A 129 -11.31 52.61 23.28
N ARG A 130 -10.43 53.57 23.57
CA ARG A 130 -10.88 54.92 23.93
C ARG A 130 -11.66 55.52 22.77
N ALA A 131 -11.03 55.61 21.60
CA ALA A 131 -11.67 56.16 20.41
C ALA A 131 -13.00 55.49 20.09
N LEU A 132 -13.18 54.24 20.49
CA LEU A 132 -14.41 53.51 20.24
C LEU A 132 -15.32 53.46 21.46
N ASN A 133 -14.96 54.15 22.54
CA ASN A 133 -15.79 54.19 23.74
C ASN A 133 -16.12 52.79 24.23
N LEU A 134 -15.10 51.98 24.37
CA LEU A 134 -15.27 50.60 24.83
C LEU A 134 -14.65 50.45 26.20
N GLU A 135 -15.31 49.65 27.04
CA GLU A 135 -14.94 49.40 28.43
C GLU A 135 -13.85 48.33 28.60
N ASP A 136 -13.37 47.74 27.52
CA ASP A 136 -12.51 46.56 27.63
C ASP A 136 -11.11 46.90 28.16
N ASN A 137 -10.55 45.95 28.89
CA ASN A 137 -9.20 46.02 29.43
C ASN A 137 -8.18 45.61 28.36
N PRO A 138 -7.37 46.54 27.86
CA PRO A 138 -6.41 46.18 26.80
C PRO A 138 -5.35 45.18 27.23
N PHE A 139 -5.08 45.10 28.53
CA PHE A 139 -4.16 44.08 29.05
C PHE A 139 -4.69 42.67 28.76
N ASP A 140 -6.00 42.47 28.86
CA ASP A 140 -6.55 41.12 28.72
C ASP A 140 -6.16 40.51 27.39
N LEU A 141 -6.46 41.22 26.28
CA LEU A 141 -6.21 40.68 24.94
C LEU A 141 -4.72 40.48 24.71
N VAL A 142 -3.88 41.41 25.17
CA VAL A 142 -2.44 41.21 24.94
C VAL A 142 -1.94 39.98 25.71
N GLU A 143 -2.53 39.67 26.89
CA GLU A 143 -2.13 38.46 27.60
C GLU A 143 -2.61 37.20 26.88
N ALA A 144 -3.87 37.20 26.44
CA ALA A 144 -4.46 36.07 25.72
C ALA A 144 -3.62 35.66 24.50
N VAL A 145 -3.19 36.65 23.73
CA VAL A 145 -2.30 36.45 22.59
C VAL A 145 -1.04 35.64 22.95
N GLY A 146 -0.58 35.74 24.18
CA GLY A 146 0.55 34.96 24.64
C GLY A 146 0.17 33.63 25.28
N ASP A 147 -1.10 33.27 25.25
CA ASP A 147 -1.64 32.23 26.10
C ASP A 147 -1.95 31.01 25.26
N LEU A 148 -1.27 29.90 25.54
CA LEU A 148 -1.55 28.64 24.87
C LEU A 148 -2.65 27.80 25.53
N ASP A 149 -3.12 28.18 26.73
CA ASP A 149 -4.16 27.44 27.47
C ASP A 149 -5.55 27.98 27.15
N LEU A 150 -5.84 28.02 25.86
CA LEU A 150 -6.93 28.82 25.32
C LEU A 150 -7.88 27.90 24.60
N SER A 151 -9.14 27.94 24.99
CA SER A 151 -10.15 27.11 24.33
C SER A 151 -10.31 27.54 22.88
N GLN A 152 -10.73 26.58 22.04
CA GLN A 152 -11.14 26.95 20.69
C GLN A 152 -12.24 28.00 20.72
N GLY A 153 -12.98 28.08 21.82
CA GLY A 153 -14.03 29.06 21.96
C GLY A 153 -13.45 30.44 22.10
N ALA A 154 -12.64 30.64 23.16
CA ALA A 154 -12.00 31.94 23.39
C ALA A 154 -11.15 32.38 22.20
N TYR A 155 -10.46 31.45 21.54
CA TYR A 155 -9.66 31.81 20.37
C TYR A 155 -10.56 32.53 19.36
N GLU A 156 -11.59 31.86 18.88
CA GLU A 156 -12.45 32.48 17.87
C GLU A 156 -13.13 33.72 18.42
N GLY A 157 -13.39 33.77 19.72
CA GLY A 157 -13.92 35.00 20.29
C GLY A 157 -12.95 36.17 20.13
N TYR A 158 -11.69 35.95 20.51
CA TYR A 158 -10.70 37.02 20.42
C TYR A 158 -10.52 37.43 18.97
N VAL A 159 -10.47 36.44 18.06
CA VAL A 159 -10.38 36.77 16.64
C VAL A 159 -11.58 37.62 16.20
N ARG A 160 -12.79 37.20 16.59
CA ARG A 160 -13.96 37.98 16.21
C ARG A 160 -13.94 39.36 16.84
N HIS A 161 -13.41 39.44 18.06
CA HIS A 161 -13.26 40.75 18.68
C HIS A 161 -12.35 41.63 17.85
N ILE A 162 -11.21 41.09 17.41
CA ILE A 162 -10.29 41.86 16.60
C ILE A 162 -10.95 42.28 15.29
N TYR A 163 -11.76 41.38 14.69
CA TYR A 163 -12.36 41.74 13.40
C TYR A 163 -13.28 42.95 13.56
N SER A 164 -14.07 42.98 14.64
CA SER A 164 -14.97 44.11 14.84
C SER A 164 -14.20 45.41 15.02
N LEU A 165 -13.20 45.40 15.88
CA LEU A 165 -12.41 46.61 16.06
C LEU A 165 -11.96 47.09 14.70
N MET A 166 -11.50 46.16 13.87
CA MET A 166 -10.98 46.50 12.56
C MET A 166 -12.06 47.20 11.74
N LYS A 167 -13.25 46.60 11.71
CA LYS A 167 -14.35 47.18 10.94
C LYS A 167 -14.76 48.51 11.52
N SER A 168 -14.86 48.58 12.85
CA SER A 168 -15.23 49.83 13.51
C SER A 168 -14.25 50.93 13.20
N LEU A 169 -13.00 50.60 12.91
CA LEU A 169 -12.04 51.65 12.59
C LEU A 169 -12.09 52.03 11.12
N GLY A 170 -13.00 51.43 10.36
CA GLY A 170 -13.10 51.72 8.95
C GLY A 170 -12.34 50.79 8.06
N HIS A 171 -11.88 49.66 8.58
CA HIS A 171 -11.12 48.71 7.77
C HIS A 171 -12.08 47.73 7.14
N ASP A 172 -12.11 47.72 5.81
CA ASP A 172 -12.97 46.84 5.02
C ASP A 172 -12.34 45.45 4.98
N VAL A 173 -12.50 44.71 6.10
CA VAL A 173 -11.87 43.40 6.22
C VAL A 173 -12.17 42.55 4.99
N GLY A 174 -13.46 42.50 4.60
CA GLY A 174 -13.91 41.76 3.45
C GLY A 174 -13.14 42.11 2.20
N HIS A 175 -13.28 43.36 1.74
CA HIS A 175 -12.58 43.78 0.53
C HIS A 175 -11.11 43.47 0.60
N LEU A 176 -10.48 43.83 1.72
CA LEU A 176 -9.04 43.66 1.82
C LEU A 176 -8.68 42.18 1.68
N SER A 177 -9.39 41.29 2.41
CA SER A 177 -9.02 39.87 2.36
C SER A 177 -9.31 39.24 1.00
N ARG A 178 -10.42 39.59 0.35
CA ARG A 178 -10.71 39.00 -0.95
C ARG A 178 -9.63 39.32 -1.97
N SER A 179 -8.84 40.36 -1.72
CA SER A 179 -7.78 40.71 -2.65
C SER A 179 -6.45 40.12 -2.28
N LEU A 180 -6.42 39.24 -1.26
CA LEU A 180 -5.18 38.65 -0.79
C LEU A 180 -5.18 37.14 -1.00
N ASP A 181 -3.99 36.58 -1.14
CA ASP A 181 -3.79 35.15 -1.35
C ASP A 181 -3.10 34.59 -0.11
N TYR A 182 -3.83 33.83 0.69
CA TYR A 182 -3.31 33.23 1.89
C TYR A 182 -2.63 31.90 1.67
N SER A 183 -2.54 31.44 0.42
CA SER A 183 -2.05 30.11 0.14
C SER A 183 -0.67 29.91 0.73
N THR A 184 0.09 30.97 0.82
CA THR A 184 1.47 30.89 1.27
C THR A 184 1.57 30.52 2.74
N MET A 185 0.51 30.76 3.53
N MET A 185 0.51 30.73 3.53
CA MET A 185 0.57 30.50 4.96
CA MET A 185 0.55 30.50 4.96
C MET A 185 0.65 29.01 5.30
C MET A 185 0.45 29.02 5.36
N THR A 186 0.16 28.12 4.42
CA THR A 186 0.03 26.69 4.72
C THR A 186 0.95 25.80 3.88
N VAL A 187 1.87 26.38 3.13
CA VAL A 187 2.81 25.60 2.30
C VAL A 187 3.63 24.66 3.16
N PHE A 188 4.00 25.11 4.37
CA PHE A 188 4.83 24.39 5.32
C PHE A 188 4.09 24.02 6.60
N ASN A 189 2.77 24.07 6.61
CA ASN A 189 2.07 23.78 7.86
C ASN A 189 0.61 23.51 7.49
N TYR A 190 0.20 22.25 7.62
CA TYR A 190 -1.14 21.78 7.33
C TYR A 190 -2.07 21.82 8.53
N LEU A 191 -1.60 22.28 9.66
CA LEU A 191 -2.44 22.44 10.84
C LEU A 191 -2.78 23.90 11.07
N TYR A 192 -2.24 24.79 10.24
CA TYR A 192 -2.47 26.22 10.45
C TYR A 192 -3.62 26.70 9.59
N GLU A 193 -4.48 27.54 10.19
CA GLU A 193 -5.60 28.13 9.49
C GLU A 193 -5.55 29.65 9.65
N SER A 194 -5.37 30.32 8.52
CA SER A 194 -5.07 31.73 8.50
C SER A 194 -6.26 32.61 8.77
N PRO A 195 -6.17 33.51 9.74
CA PRO A 195 -7.15 34.61 9.83
C PRO A 195 -7.17 35.44 8.56
N LEU A 196 -8.07 36.43 8.53
CA LEU A 196 -8.18 37.38 7.43
C LEU A 196 -7.22 38.55 7.69
N PHE A 197 -5.94 38.30 7.51
CA PHE A 197 -4.99 39.40 7.60
C PHE A 197 -5.30 40.41 6.51
N THR A 198 -5.15 41.71 6.83
CA THR A 198 -5.64 42.76 5.96
C THR A 198 -4.53 43.45 5.15
N SER A 199 -3.31 42.94 5.17
CA SER A 199 -2.30 43.52 4.28
C SER A 199 -1.41 42.43 3.70
N GLN A 200 -0.91 42.68 2.50
CA GLN A 200 0.02 41.75 1.88
C GLN A 200 1.32 41.75 2.67
N GLU A 201 1.73 42.91 3.16
CA GLU A 201 2.87 42.95 4.07
C GLU A 201 2.71 41.95 5.21
N ALA A 202 1.56 41.96 5.89
CA ALA A 202 1.32 41.03 6.99
C ALA A 202 1.40 39.58 6.52
N VAL A 203 0.66 39.23 5.45
CA VAL A 203 0.66 37.88 4.92
C VAL A 203 2.07 37.42 4.62
N THR A 204 2.85 38.30 4.01
CA THR A 204 4.20 37.95 3.62
C THR A 204 5.05 37.76 4.85
N MET A 205 4.88 38.63 5.85
CA MET A 205 5.77 38.52 7.00
C MET A 205 5.40 37.28 7.82
N TYR A 206 4.12 37.05 8.04
CA TYR A 206 3.67 35.92 8.81
C TYR A 206 3.88 34.61 8.07
N SER A 207 3.79 34.62 6.77
CA SER A 207 4.16 33.43 6.02
C SER A 207 5.63 33.07 6.23
N ARG A 208 6.49 34.10 6.38
CA ARG A 208 7.88 33.78 6.65
C ARG A 208 8.07 33.22 8.05
N ASN A 209 7.27 33.67 9.01
CA ASN A 209 7.32 33.06 10.34
C ASN A 209 6.97 31.56 10.28
N LEU A 210 5.92 31.20 9.54
CA LEU A 210 5.42 29.83 9.48
C LEU A 210 6.41 28.93 8.78
N ALA A 211 6.98 29.44 7.70
CA ALA A 211 8.07 28.74 7.06
C ALA A 211 9.21 28.50 8.02
N GLY A 212 9.51 29.51 8.84
CA GLY A 212 10.64 29.44 9.73
C GLY A 212 10.40 28.47 10.85
N ILE A 213 9.13 28.27 11.23
CA ILE A 213 8.82 27.25 12.21
C ILE A 213 9.27 25.90 11.69
N THR A 214 8.74 25.50 10.54
CA THR A 214 9.01 24.19 9.96
C THR A 214 10.46 24.05 9.54
N LYS A 215 11.04 25.10 8.98
CA LYS A 215 12.43 25.00 8.55
C LYS A 215 13.41 25.35 9.65
N MET A 216 12.94 25.48 10.90
CA MET A 216 13.85 25.60 12.06
C MET A 216 14.73 26.84 11.95
N SER A 217 14.15 27.94 11.49
CA SER A 217 14.86 29.20 11.51
C SER A 217 15.17 29.54 12.96
N ARG A 218 16.30 30.17 13.18
CA ARG A 218 16.68 30.58 14.52
C ARG A 218 16.24 32.00 14.84
N GLU A 219 15.77 32.77 13.84
CA GLU A 219 15.29 34.11 14.11
C GLU A 219 13.98 34.04 14.91
N PRO A 220 13.71 35.05 15.74
CA PRO A 220 12.38 35.18 16.31
C PRO A 220 11.37 35.57 15.24
N PHE A 221 10.11 35.35 15.60
CA PHE A 221 9.01 35.85 14.81
C PHE A 221 9.18 37.33 14.56
N GLU A 222 8.95 37.73 13.30
CA GLU A 222 8.74 39.14 12.96
C GLU A 222 7.30 39.52 13.25
N THR A 223 7.11 40.65 13.84
CA THR A 223 5.77 41.18 13.95
C THR A 223 5.84 42.63 13.47
N LEU A 224 4.69 43.15 13.04
CA LEU A 224 4.68 44.46 12.40
C LEU A 224 4.86 45.58 13.42
N SER A 225 4.27 45.43 14.61
CA SER A 225 4.43 46.47 15.63
C SER A 225 5.89 46.57 16.09
N VAL A 226 6.57 45.44 16.18
CA VAL A 226 7.98 45.47 16.52
C VAL A 226 8.82 46.01 15.35
N VAL A 227 8.57 45.54 14.14
CA VAL A 227 9.45 45.88 13.02
C VAL A 227 9.39 47.39 12.73
N HIS A 228 8.19 47.95 12.75
CA HIS A 228 7.97 49.36 12.47
C HIS A 228 7.97 50.21 13.72
N ARG A 229 8.23 49.63 14.90
CA ARG A 229 7.99 50.30 16.18
C ARG A 229 6.68 51.10 16.11
N SER A 230 5.53 50.45 15.98
CA SER A 230 4.29 51.16 15.75
C SER A 230 3.21 50.62 16.66
N LYS A 231 2.43 51.54 17.23
CA LYS A 231 1.25 51.23 18.02
C LYS A 231 -0.01 51.28 17.18
N GLU A 232 0.11 51.49 15.86
CA GLU A 232 -1.08 51.77 15.08
C GLU A 232 -1.91 50.51 14.86
N PRO A 233 -3.23 50.67 14.70
CA PRO A 233 -4.12 49.52 14.73
C PRO A 233 -3.79 48.50 13.65
N PRO A 234 -3.49 48.93 12.42
CA PRO A 234 -3.20 47.95 11.38
C PRO A 234 -2.12 46.98 11.78
N GLU A 235 -1.00 47.49 12.31
CA GLU A 235 0.11 46.65 12.76
C GLU A 235 -0.26 45.75 13.96
N ILE A 236 -0.85 46.31 15.01
CA ILE A 236 -0.99 45.52 16.23
C ILE A 236 -2.12 44.54 16.15
N LEU A 237 -3.20 44.85 15.43
CA LEU A 237 -4.31 43.91 15.34
C LEU A 237 -3.98 42.71 14.46
N ASN A 238 -3.30 42.93 13.32
CA ASN A 238 -2.85 41.78 12.54
C ASN A 238 -1.85 40.94 13.32
N ASP A 239 -0.93 41.60 14.01
CA ASP A 239 0.02 40.91 14.87
C ASP A 239 -0.74 40.06 15.89
N MET A 240 -1.79 40.58 16.50
CA MET A 240 -2.46 39.73 17.45
C MET A 240 -3.13 38.57 16.76
N LEU A 241 -3.70 38.80 15.55
CA LEU A 241 -4.30 37.68 14.86
C LEU A 241 -3.24 36.62 14.58
N PHE A 242 -2.03 37.05 14.23
CA PHE A 242 -0.97 36.10 13.95
C PHE A 242 -0.67 35.31 15.20
N LEU A 243 -0.47 36.00 16.31
CA LEU A 243 0.00 35.29 17.49
C LEU A 243 -1.07 34.35 18.04
N LEU A 244 -2.33 34.75 17.97
CA LEU A 244 -3.42 33.84 18.36
C LEU A 244 -3.48 32.64 17.43
N SER A 245 -3.34 32.87 16.13
CA SER A 245 -3.52 31.77 15.21
C SER A 245 -2.34 30.82 15.26
N VAL A 246 -1.16 31.32 15.61
CA VAL A 246 -0.04 30.41 15.85
C VAL A 246 -0.27 29.62 17.12
N GLY A 247 -0.84 30.24 18.15
CA GLY A 247 -1.10 29.49 19.37
C GLY A 247 -2.08 28.36 19.15
N ARG A 248 -3.03 28.55 18.24
N ARG A 248 -3.05 28.56 18.26
CA ARG A 248 -4.01 27.53 17.98
CA ARG A 248 -4.04 27.53 17.99
C ARG A 248 -3.39 26.40 17.16
C ARG A 248 -3.39 26.36 17.26
N MET A 249 -2.56 26.74 16.17
N MET A 249 -2.59 26.65 16.25
CA MET A 249 -1.81 25.72 15.45
CA MET A 249 -1.92 25.56 15.52
C MET A 249 -0.98 24.85 16.39
C MET A 249 -0.99 24.79 16.43
N ILE A 250 -0.33 25.48 17.37
CA ILE A 250 0.58 24.78 18.29
C ILE A 250 -0.21 23.79 19.12
N VAL A 251 -1.40 24.19 19.58
CA VAL A 251 -2.22 23.30 20.39
C VAL A 251 -2.63 22.09 19.58
N LEU A 252 -2.93 22.32 18.32
CA LEU A 252 -3.29 21.23 17.43
C LEU A 252 -2.08 20.41 17.06
N HIS A 253 -0.92 21.02 16.95
CA HIS A 253 0.30 20.28 16.66
C HIS A 253 0.62 19.35 17.82
N GLN A 254 0.56 19.85 19.03
CA GLN A 254 0.81 18.98 20.17
C GLN A 254 -0.11 17.77 20.16
N GLU A 255 -1.39 17.97 19.86
CA GLU A 255 -2.29 16.85 19.86
C GLU A 255 -2.06 15.90 18.69
N SER A 256 -1.67 16.40 17.52
CA SER A 256 -1.37 15.52 16.41
C SER A 256 -0.19 14.61 16.75
N LEU A 257 0.86 15.17 17.34
CA LEU A 257 2.06 14.40 17.66
C LEU A 257 1.77 13.36 18.76
N ARG A 258 0.89 13.67 19.70
CA ARG A 258 0.49 12.66 20.66
C ARG A 258 -0.23 11.52 19.95
N ALA A 259 -1.12 11.85 19.03
CA ALA A 259 -1.86 10.79 18.35
C ALA A 259 -0.93 10.01 17.44
N LEU A 260 0.07 10.69 16.85
CA LEU A 260 1.05 9.98 16.01
C LEU A 260 1.88 9.02 16.86
N ARG A 261 2.26 9.42 18.06
CA ARG A 261 3.03 8.54 18.93
C ARG A 261 2.25 7.27 19.24
N LYS A 262 0.97 7.41 19.58
CA LYS A 262 0.14 6.26 19.88
C LYS A 262 -0.06 5.38 18.64
N ASN A 263 -0.30 5.99 17.48
CA ASN A 263 -0.37 5.19 16.27
C ASN A 263 0.89 4.39 16.04
N LEU A 264 2.07 5.01 16.20
CA LEU A 264 3.30 4.29 15.90
C LEU A 264 3.49 3.14 16.88
N ILE A 265 3.04 3.30 18.11
CA ILE A 265 3.19 2.21 19.06
C ILE A 265 2.27 1.05 18.70
N LEU A 266 1.02 1.34 18.38
CA LEU A 266 0.10 0.31 17.93
C LEU A 266 0.55 -0.29 16.60
N THR A 267 0.96 0.53 15.65
CA THR A 267 1.35 -0.02 14.36
C THR A 267 2.57 -0.89 14.53
N ALA A 268 3.36 -0.68 15.58
CA ALA A 268 4.55 -1.52 15.80
C ALA A 268 4.15 -3.00 15.92
N SER A 269 3.07 -3.26 16.62
CA SER A 269 2.52 -4.60 16.76
C SER A 269 2.11 -5.14 15.40
N ALA A 270 1.47 -4.31 14.58
CA ALA A 270 1.00 -4.79 13.29
C ALA A 270 2.18 -5.08 12.35
N LEU A 271 3.23 -4.28 12.40
CA LEU A 271 4.33 -4.50 11.47
C LEU A 271 5.14 -5.72 11.85
N CYS A 272 5.37 -5.89 13.15
CA CYS A 272 6.00 -7.12 13.62
C CYS A 272 5.22 -8.32 13.10
N SER A 273 3.90 -8.22 13.07
CA SER A 273 3.08 -9.34 12.61
C SER A 273 3.29 -9.64 11.13
N ILE A 274 3.31 -8.61 10.26
CA ILE A 274 3.53 -8.94 8.86
C ILE A 274 4.99 -9.30 8.63
N LEU A 275 5.92 -8.79 9.45
CA LEU A 275 7.30 -9.22 9.27
C LEU A 275 7.48 -10.67 9.73
N TYR A 276 6.62 -11.16 10.63
CA TYR A 276 6.66 -12.57 10.98
C TYR A 276 6.47 -13.44 9.74
N THR A 277 5.51 -13.09 8.87
CA THR A 277 5.27 -13.94 7.70
C THR A 277 6.54 -14.04 6.88
N ALA A 278 7.28 -12.95 6.79
CA ALA A 278 8.50 -12.98 6.00
C ALA A 278 9.58 -13.76 6.73
N TYR A 279 9.55 -13.73 8.05
CA TYR A 279 10.52 -14.55 8.77
C TYR A 279 10.29 -16.05 8.51
N THR A 280 9.02 -16.50 8.47
CA THR A 280 8.74 -17.90 8.20
C THR A 280 9.22 -18.35 6.82
N GLN A 281 9.31 -17.42 5.87
CA GLN A 281 9.83 -17.72 4.55
C GLN A 281 11.35 -17.82 4.51
N VAL A 282 12.05 -17.17 5.45
CA VAL A 282 13.53 -17.10 5.49
C VAL A 282 13.94 -17.35 6.94
N PRO A 283 13.77 -18.58 7.43
CA PRO A 283 13.89 -18.82 8.88
C PRO A 283 15.27 -18.63 9.43
N GLU A 284 16.29 -18.59 8.61
CA GLU A 284 17.60 -18.23 9.11
C GLU A 284 17.65 -16.80 9.65
N THR A 285 16.63 -15.98 9.44
CA THR A 285 16.62 -14.61 9.99
C THR A 285 16.09 -14.57 11.42
N LYS A 286 15.96 -15.74 12.05
CA LYS A 286 15.38 -15.86 13.38
C LYS A 286 15.94 -14.85 14.36
N SER A 287 17.26 -14.78 14.51
CA SER A 287 17.78 -13.92 15.57
C SER A 287 17.48 -12.45 15.27
N LEU A 288 17.42 -12.10 13.98
CA LEU A 288 17.06 -10.75 13.56
C LEU A 288 15.59 -10.49 13.77
N PHE A 289 14.77 -11.49 13.56
CA PHE A 289 13.35 -11.26 13.78
C PHE A 289 13.05 -11.16 15.27
N ARG A 290 13.78 -11.90 16.09
CA ARG A 290 13.57 -11.84 17.53
C ARG A 290 13.74 -10.42 18.02
N GLU A 291 14.79 -9.74 17.54
CA GLU A 291 15.01 -8.36 17.99
C GLU A 291 13.87 -7.44 17.52
N VAL A 292 13.34 -7.68 16.33
CA VAL A 292 12.21 -6.89 15.86
C VAL A 292 11.03 -7.05 16.82
N ALA A 293 10.78 -8.28 17.25
CA ALA A 293 9.70 -8.52 18.19
C ALA A 293 9.97 -7.91 19.57
N HIS A 294 11.17 -8.11 20.14
N HIS A 294 11.19 -8.08 20.11
CA HIS A 294 11.42 -7.55 21.47
CA HIS A 294 11.48 -7.56 21.45
C HIS A 294 11.32 -6.02 21.46
C HIS A 294 11.43 -6.04 21.48
N GLU A 295 11.78 -5.38 20.39
CA GLU A 295 11.67 -3.92 20.37
C GLU A 295 10.23 -3.46 20.16
N ALA A 296 9.41 -4.22 19.42
CA ALA A 296 7.99 -3.88 19.33
C ALA A 296 7.33 -3.99 20.69
N HIS A 297 7.62 -5.08 21.41
CA HIS A 297 7.00 -5.26 22.73
C HIS A 297 7.49 -4.21 23.71
N ALA A 298 8.76 -3.81 23.61
CA ALA A 298 9.28 -2.75 24.48
C ALA A 298 8.53 -1.45 24.26
N LEU A 299 8.16 -1.13 23.01
CA LEU A 299 7.39 0.10 22.76
C LEU A 299 5.99 0.00 23.37
N LEU A 300 5.35 -1.15 23.25
CA LEU A 300 3.97 -1.25 23.67
C LEU A 300 3.85 -1.33 25.18
N SER A 301 4.83 -1.91 25.84
CA SER A 301 4.78 -2.06 27.28
C SER A 301 5.61 -1.02 28.01
N SER A 302 6.13 0.00 27.31
CA SER A 302 7.01 0.95 27.98
C SER A 302 6.24 1.63 29.10
N ARG A 303 6.88 1.75 30.25
CA ARG A 303 6.33 2.51 31.35
C ARG A 303 6.92 3.92 31.43
N SER A 304 8.09 4.16 30.82
CA SER A 304 8.79 5.44 30.92
C SER A 304 7.83 6.61 30.78
N PRO A 305 7.85 7.58 31.71
CA PRO A 305 7.21 8.87 31.42
C PRO A 305 7.90 9.56 30.25
N ASP A 306 9.16 9.19 30.02
CA ASP A 306 9.90 9.58 28.83
C ASP A 306 9.09 9.25 27.58
N THR A 307 9.29 10.07 26.55
CA THR A 307 8.66 9.80 25.27
C THR A 307 9.00 8.37 24.82
N PRO A 308 8.18 7.75 23.97
CA PRO A 308 8.63 6.54 23.28
C PRO A 308 9.78 6.84 22.34
N ASN A 309 10.71 5.90 22.25
CA ASN A 309 11.90 6.06 21.42
C ASN A 309 11.89 4.95 20.38
N PHE A 310 11.64 5.31 19.12
CA PHE A 310 11.43 4.34 18.08
C PHE A 310 12.71 3.95 17.35
N ARG A 311 13.85 4.52 17.70
CA ARG A 311 15.05 4.28 16.90
C ARG A 311 15.49 2.82 16.93
N PRO A 312 15.42 2.11 18.06
CA PRO A 312 15.87 0.72 18.05
C PRO A 312 14.96 -0.18 17.23
N PHE A 313 13.64 0.09 17.27
CA PHE A 313 12.73 -0.74 16.48
C PHE A 313 13.00 -0.54 15.01
N VAL A 314 13.29 0.70 14.62
CA VAL A 314 13.50 0.96 13.21
C VAL A 314 14.76 0.30 12.75
N ALA A 315 15.83 0.42 13.53
CA ALA A 315 17.09 -0.20 13.14
C ALA A 315 16.91 -1.70 13.01
N CYS A 316 16.20 -2.32 13.95
CA CYS A 316 15.99 -3.76 13.90
C CYS A 316 15.24 -4.15 12.64
N MET A 317 14.19 -3.40 12.30
CA MET A 317 13.33 -3.74 11.17
C MET A 317 14.16 -3.70 9.90
N LEU A 318 15.08 -2.73 9.81
CA LEU A 318 15.84 -2.56 8.57
C LEU A 318 16.94 -3.61 8.44
N GLN A 319 17.59 -3.98 9.55
CA GLN A 319 18.57 -5.07 9.45
C GLN A 319 17.88 -6.36 9.11
N PHE A 320 16.65 -6.57 9.62
CA PHE A 320 15.86 -7.72 9.21
C PHE A 320 15.56 -7.67 7.71
N ILE A 321 15.03 -6.54 7.23
CA ILE A 321 14.52 -6.56 5.87
C ILE A 321 15.65 -6.68 4.84
N LYS A 322 16.88 -6.37 5.21
CA LYS A 322 17.96 -6.51 4.24
C LYS A 322 18.28 -7.98 3.97
N GLN A 323 18.18 -8.81 5.00
CA GLN A 323 18.36 -10.25 4.82
C GLN A 323 17.17 -10.86 4.08
N ILE A 324 15.96 -10.34 4.31
CA ILE A 324 14.82 -10.78 3.51
C ILE A 324 15.05 -10.47 2.04
N ILE A 325 15.64 -9.32 1.76
CA ILE A 325 15.96 -8.94 0.40
C ILE A 325 16.94 -9.92 -0.20
N ALA A 326 17.97 -10.28 0.59
CA ALA A 326 18.98 -11.23 0.15
C ALA A 326 18.42 -12.60 -0.16
N ALA A 327 17.27 -12.95 0.40
CA ALA A 327 16.74 -14.28 0.18
C ALA A 327 16.15 -14.42 -1.21
N ASP A 328 15.77 -13.32 -1.87
CA ASP A 328 15.21 -13.40 -3.21
C ASP A 328 13.91 -14.19 -3.25
N VAL A 329 12.96 -13.82 -2.37
CA VAL A 329 11.65 -14.45 -2.33
C VAL A 329 10.61 -13.34 -2.31
N TYR A 330 9.39 -13.71 -2.72
CA TYR A 330 8.24 -12.81 -2.74
C TYR A 330 7.59 -12.83 -1.36
N THR A 331 7.56 -11.67 -0.72
CA THR A 331 6.94 -11.50 0.59
C THR A 331 5.59 -10.80 0.39
N CYS A 332 4.52 -11.58 0.53
CA CYS A 332 3.15 -11.13 0.30
C CYS A 332 2.30 -11.57 1.50
N PRO A 333 2.28 -10.78 2.57
CA PRO A 333 1.76 -11.31 3.84
C PRO A 333 0.33 -11.81 3.75
N ARG A 334 -0.52 -11.06 3.07
CA ARG A 334 -1.93 -11.40 2.90
C ARG A 334 -2.10 -12.65 2.05
N TYR A 335 -1.47 -12.68 0.88
CA TYR A 335 -1.45 -13.89 0.09
C TYR A 335 -0.96 -15.10 0.89
N LEU A 336 0.20 -15.00 1.57
CA LEU A 336 0.73 -16.16 2.27
C LEU A 336 -0.24 -16.60 3.34
N THR A 337 -0.75 -15.64 4.11
CA THR A 337 -1.68 -15.98 5.19
C THR A 337 -2.94 -16.60 4.64
N ASN A 338 -3.41 -16.13 3.48
CA ASN A 338 -4.60 -16.69 2.88
C ASN A 338 -4.34 -18.10 2.38
N GLN A 339 -3.15 -18.37 1.84
CA GLN A 339 -2.84 -19.71 1.38
C GLN A 339 -2.74 -20.66 2.56
N ILE A 340 -2.02 -20.28 3.61
CA ILE A 340 -1.98 -21.13 4.82
C ILE A 340 -3.41 -21.44 5.25
N LEU A 341 -4.29 -20.46 5.24
CA LEU A 341 -5.64 -20.66 5.71
C LEU A 341 -6.39 -21.68 4.87
N ALA A 342 -6.41 -21.47 3.54
CA ALA A 342 -6.96 -22.45 2.60
C ALA A 342 -6.45 -23.88 2.85
N VAL A 343 -5.12 -24.08 2.83
CA VAL A 343 -4.55 -25.41 3.10
C VAL A 343 -5.07 -25.95 4.42
N THR A 344 -4.99 -25.16 5.50
CA THR A 344 -5.37 -25.65 6.81
C THR A 344 -6.80 -26.14 6.83
N ALA A 345 -7.70 -25.49 6.06
CA ALA A 345 -9.11 -25.79 6.09
C ALA A 345 -9.44 -27.19 5.60
N ARG A 346 -8.46 -27.92 5.07
CA ARG A 346 -8.65 -29.34 4.77
C ARG A 346 -9.44 -30.07 5.86
N MET A 377 0.33 -27.47 -6.15
CA MET A 377 0.34 -27.82 -4.72
C MET A 377 0.05 -26.54 -3.92
N ASN A 378 -0.71 -26.72 -2.84
CA ASN A 378 -1.27 -25.60 -2.11
C ASN A 378 -0.28 -24.98 -1.14
N ASN A 379 0.71 -25.76 -0.67
CA ASN A 379 1.53 -25.32 0.45
C ASN A 379 2.51 -24.31 -0.10
N PRO A 380 2.34 -23.01 0.24
CA PRO A 380 3.24 -22.00 -0.35
C PRO A 380 4.71 -22.22 -0.03
N TYR A 381 5.00 -22.88 1.10
CA TYR A 381 6.38 -23.15 1.47
C TYR A 381 7.04 -24.22 0.61
N ASN A 382 6.26 -25.01 -0.17
CA ASN A 382 6.85 -25.87 -1.21
C ASN A 382 7.30 -25.10 -2.46
N ASP A 383 7.11 -23.79 -2.52
CA ASP A 383 7.43 -22.98 -3.69
C ASP A 383 8.72 -22.21 -3.43
N GLN A 384 9.70 -22.38 -4.33
CA GLN A 384 11.03 -21.78 -4.20
C GLN A 384 10.99 -20.25 -4.19
N ASN A 385 10.03 -19.65 -4.92
CA ASN A 385 9.82 -18.21 -4.92
C ASN A 385 9.28 -17.68 -3.61
N ILE A 386 8.84 -18.57 -2.72
CA ILE A 386 8.27 -18.22 -1.44
C ILE A 386 9.23 -18.57 -0.31
N PHE A 387 9.79 -19.78 -0.33
CA PHE A 387 10.51 -20.30 0.83
C PHE A 387 11.98 -20.45 0.51
N LYS A 388 12.82 -19.93 1.37
CA LYS A 388 14.28 -20.05 1.28
C LYS A 388 14.71 -20.98 2.42
N CYS A 389 15.10 -22.17 2.04
CA CYS A 389 15.44 -23.20 3.01
C CYS A 389 16.71 -22.82 3.74
N PRO A 390 16.74 -22.90 5.08
CA PRO A 390 17.97 -22.60 5.81
C PRO A 390 19.03 -23.66 5.52
N ARG A 391 20.28 -23.32 5.82
CA ARG A 391 21.37 -24.24 5.51
C ARG A 391 21.61 -25.28 6.61
N SER A 392 21.40 -24.91 7.87
CA SER A 392 21.38 -25.85 8.97
C SER A 392 20.00 -25.81 9.59
N LEU A 393 19.45 -26.99 9.88
CA LEU A 393 18.05 -27.10 10.23
C LEU A 393 17.79 -27.22 11.71
N VAL A 394 18.79 -27.60 12.50
CA VAL A 394 18.55 -27.92 13.91
C VAL A 394 18.09 -26.68 14.68
N HIS A 395 18.71 -25.53 14.39
CA HIS A 395 18.50 -24.30 15.15
C HIS A 395 17.51 -23.34 14.48
N TYR A 396 16.76 -23.80 13.45
CA TYR A 396 15.96 -22.84 12.68
C TYR A 396 14.52 -23.25 12.42
N VAL A 397 14.24 -24.55 12.19
CA VAL A 397 12.86 -25.01 12.02
C VAL A 397 12.43 -25.98 13.13
N GLY A 398 11.19 -26.47 13.07
CA GLY A 398 10.68 -27.33 14.13
C GLY A 398 10.38 -26.57 15.41
N ASP A 399 10.64 -27.20 16.56
CA ASP A 399 10.49 -26.43 17.80
C ASP A 399 11.48 -25.28 17.91
N ALA A 400 12.48 -25.20 17.01
CA ALA A 400 13.42 -24.10 16.96
C ALA A 400 12.88 -22.94 16.14
N LEU A 401 11.64 -23.03 15.66
CA LEU A 401 11.00 -21.96 14.91
C LEU A 401 10.40 -20.94 15.88
N PHE A 402 10.81 -19.69 15.76
CA PHE A 402 10.23 -18.60 16.56
C PHE A 402 8.71 -18.63 16.37
N LYS A 403 7.98 -18.62 17.49
CA LYS A 403 6.53 -18.83 17.45
C LYS A 403 5.75 -17.52 17.52
N LYS A 404 4.87 -17.31 16.57
CA LYS A 404 3.86 -16.26 16.70
C LYS A 404 2.54 -16.80 16.23
N THR A 405 1.48 -16.61 17.03
CA THR A 405 0.19 -17.14 16.60
C THR A 405 -0.36 -16.36 15.42
N MET A 406 -0.71 -17.08 14.34
CA MET A 406 -1.25 -16.48 13.13
C MET A 406 -2.75 -16.65 13.16
N THR A 407 -3.47 -15.58 12.95
CA THR A 407 -4.92 -15.61 12.86
C THR A 407 -5.31 -14.91 11.57
N GLN A 408 -6.54 -15.19 11.14
CA GLN A 408 -7.19 -14.50 10.03
C GLN A 408 -8.67 -14.53 10.35
N GLU A 409 -9.33 -13.41 10.17
CA GLU A 409 -10.76 -13.30 10.38
C GLU A 409 -11.45 -13.27 9.02
N LEU A 410 -12.65 -13.87 8.97
CA LEU A 410 -13.43 -13.99 7.76
C LEU A 410 -14.90 -13.65 8.00
N LEU A 411 -15.50 -13.07 6.97
CA LEU A 411 -16.93 -12.74 6.97
C LEU A 411 -17.70 -14.02 6.76
N VAL A 412 -18.37 -14.51 7.81
CA VAL A 412 -19.04 -15.81 7.73
C VAL A 412 -20.54 -15.71 7.72
N SER A 413 -21.12 -14.56 8.08
CA SER A 413 -22.55 -14.39 7.84
C SER A 413 -22.86 -12.92 7.71
N CYS A 414 -23.96 -12.64 7.04
CA CYS A 414 -24.34 -11.24 6.82
C CYS A 414 -25.86 -11.14 6.80
N THR A 415 -26.39 -10.20 7.58
CA THR A 415 -27.81 -9.88 7.64
C THR A 415 -27.93 -8.44 7.16
N ASP A 416 -29.13 -7.88 7.30
CA ASP A 416 -29.35 -6.48 6.95
C ASP A 416 -28.87 -5.56 8.07
N GLN A 417 -28.51 -6.12 9.21
CA GLN A 417 -28.01 -5.29 10.30
C GLN A 417 -26.59 -5.62 10.75
N GLU A 418 -26.07 -6.85 10.51
CA GLU A 418 -24.74 -7.18 10.99
C GLU A 418 -23.97 -8.08 10.03
N ALA A 419 -22.65 -7.90 10.01
CA ALA A 419 -21.75 -8.81 9.31
C ALA A 419 -20.90 -9.50 10.36
N THR A 420 -21.00 -10.81 10.44
CA THR A 420 -20.33 -11.55 11.49
C THR A 420 -19.01 -12.04 10.93
N TYR A 421 -17.92 -11.74 11.64
CA TYR A 421 -16.61 -12.27 11.33
C TYR A 421 -16.27 -13.36 12.33
N GLN A 422 -15.61 -14.40 11.84
CA GLN A 422 -15.09 -15.48 12.66
C GLN A 422 -13.56 -15.50 12.58
N THR A 423 -12.92 -15.61 13.73
CA THR A 423 -11.48 -15.65 13.76
C THR A 423 -10.97 -17.08 13.66
N TYR A 424 -10.07 -17.34 12.71
CA TYR A 424 -9.47 -18.65 12.54
C TYR A 424 -8.03 -18.61 13.00
N GLU A 425 -7.64 -19.60 13.80
CA GLU A 425 -6.26 -19.81 14.23
C GLU A 425 -5.57 -20.74 13.25
N LEU A 426 -4.34 -20.40 12.86
CA LEU A 426 -3.56 -21.20 11.92
C LEU A 426 -2.29 -21.76 12.58
N PRO A 427 -2.44 -22.52 13.64
CA PRO A 427 -1.22 -22.99 14.35
C PRO A 427 -0.34 -23.89 13.48
N SER A 428 -0.88 -24.40 12.38
CA SER A 428 -0.26 -25.36 11.47
C SER A 428 1.01 -24.90 10.75
N VAL A 429 1.46 -23.68 11.04
CA VAL A 429 2.49 -23.09 10.19
C VAL A 429 3.76 -23.90 10.28
N SER A 430 4.11 -24.31 11.49
CA SER A 430 5.40 -25.00 11.66
C SER A 430 5.46 -26.28 10.83
N GLU A 431 4.32 -27.00 10.72
CA GLU A 431 4.32 -28.24 9.94
C GLU A 431 4.46 -27.95 8.45
N LEU A 432 3.79 -26.89 7.97
CA LEU A 432 3.88 -26.59 6.55
C LEU A 432 5.30 -26.21 6.17
N VAL A 433 5.93 -25.40 7.02
CA VAL A 433 7.33 -25.03 6.81
C VAL A 433 8.18 -26.28 6.83
N GLY A 434 8.01 -27.10 7.87
CA GLY A 434 8.64 -28.41 7.84
C GLY A 434 8.46 -29.12 6.50
N GLU A 435 7.25 -29.09 5.95
CA GLU A 435 7.03 -29.85 4.73
C GLU A 435 7.80 -29.23 3.56
N GLY A 436 7.95 -27.90 3.53
CA GLY A 436 8.72 -27.29 2.45
C GLY A 436 10.22 -27.50 2.57
N VAL A 437 10.71 -27.66 3.80
CA VAL A 437 12.09 -28.08 4.03
C VAL A 437 12.30 -29.48 3.48
N ALA A 438 11.46 -30.42 3.89
CA ALA A 438 11.53 -31.78 3.37
C ALA A 438 11.60 -31.80 1.86
N LYS A 439 10.69 -31.07 1.20
CA LYS A 439 10.65 -31.04 -0.26
C LYS A 439 12.05 -30.87 -0.83
N ARG A 440 12.84 -29.97 -0.26
CA ARG A 440 14.20 -29.73 -0.75
C ARG A 440 15.16 -30.78 -0.19
N ALA A 441 14.85 -32.04 -0.45
CA ALA A 441 15.68 -33.19 -0.07
C ALA A 441 15.20 -34.49 -0.73
N GLU B 8 3.15 -6.47 -39.91
CA GLU B 8 2.93 -6.01 -38.55
C GLU B 8 1.81 -6.82 -37.90
N ASP B 9 2.16 -7.83 -37.08
CA ASP B 9 1.22 -8.63 -36.29
C ASP B 9 1.34 -8.25 -34.81
N PRO B 10 0.57 -7.28 -34.33
CA PRO B 10 0.71 -6.88 -32.91
C PRO B 10 0.47 -8.02 -31.92
N ARG B 11 -0.31 -9.02 -32.26
CA ARG B 11 -0.61 -10.09 -31.30
C ARG B 11 0.54 -11.06 -31.11
N ARG B 12 1.58 -11.04 -31.95
CA ARG B 12 2.65 -12.00 -31.78
C ARG B 12 4.05 -11.38 -31.67
N ASP B 13 4.18 -10.05 -31.72
CA ASP B 13 5.49 -9.44 -31.56
C ASP B 13 5.70 -9.03 -30.09
N THR B 14 6.68 -8.18 -29.83
CA THR B 14 7.03 -7.77 -28.47
C THR B 14 6.34 -6.47 -28.07
N SER B 15 5.31 -6.07 -28.80
CA SER B 15 4.59 -4.82 -28.55
C SER B 15 3.50 -5.02 -27.50
N LEU B 16 3.18 -3.93 -26.82
CA LEU B 16 2.19 -3.93 -25.76
C LEU B 16 0.86 -3.49 -26.34
N MET B 17 -0.10 -4.41 -26.45
CA MET B 17 -1.43 -4.01 -26.88
C MET B 17 -2.22 -3.50 -25.68
N ILE B 18 -3.00 -2.45 -25.91
CA ILE B 18 -3.89 -1.86 -24.91
C ILE B 18 -5.13 -1.44 -25.67
N ASN B 19 -6.29 -2.01 -25.33
CA ASN B 19 -7.50 -1.76 -26.11
C ASN B 19 -8.12 -0.45 -25.62
N GLU B 20 -9.34 -0.15 -26.04
CA GLU B 20 -10.04 1.08 -25.62
C GLU B 20 -10.48 1.06 -24.16
N ARG B 21 -10.40 -0.10 -23.48
CA ARG B 21 -10.87 -0.25 -22.11
C ARG B 21 -9.73 -0.41 -21.11
N CYS B 22 -8.53 0.03 -21.45
CA CYS B 22 -7.37 -0.28 -20.62
C CYS B 22 -7.28 -1.79 -20.33
N ASN B 23 -7.65 -2.62 -21.30
CA ASN B 23 -7.52 -4.06 -21.20
C ASN B 23 -8.42 -4.69 -20.15
N PHE B 24 -9.38 -3.95 -19.62
CA PHE B 24 -10.48 -4.61 -18.90
C PHE B 24 -11.22 -5.57 -19.84
N PRO B 25 -11.60 -6.76 -19.37
CA PRO B 25 -12.45 -7.62 -20.19
C PRO B 25 -13.77 -6.92 -20.48
N HIS B 26 -14.38 -7.28 -21.59
CA HIS B 26 -15.73 -6.77 -21.81
C HIS B 26 -16.69 -7.46 -20.83
N ASN B 27 -17.81 -6.80 -20.57
CA ASN B 27 -18.88 -7.29 -19.71
C ASN B 27 -18.37 -7.67 -18.32
N MET B 28 -17.49 -6.83 -17.77
CA MET B 28 -17.07 -6.89 -16.38
C MET B 28 -17.51 -5.67 -15.61
N LEU B 29 -17.28 -4.50 -16.19
CA LEU B 29 -17.48 -3.23 -15.54
C LEU B 29 -18.36 -2.38 -16.43
N SER B 30 -19.18 -1.52 -15.82
CA SER B 30 -19.88 -0.50 -16.56
C SER B 30 -18.88 0.46 -17.18
N GLU B 31 -19.35 1.19 -18.18
CA GLU B 31 -18.48 2.19 -18.81
C GLU B 31 -18.14 3.30 -17.83
N GLU B 32 -19.12 3.72 -17.03
CA GLU B 32 -18.82 4.73 -16.03
C GLU B 32 -17.72 4.25 -15.08
N ASN B 33 -17.71 2.94 -14.76
CA ASN B 33 -16.69 2.44 -13.84
C ASN B 33 -15.33 2.33 -14.51
N ILE B 34 -15.30 1.98 -15.78
CA ILE B 34 -14.01 1.94 -16.45
C ILE B 34 -13.43 3.33 -16.50
N ASN B 35 -14.27 4.33 -16.80
CA ASN B 35 -13.80 5.70 -16.90
C ASN B 35 -13.42 6.25 -15.51
N PHE B 36 -14.19 5.90 -14.48
CA PHE B 36 -13.82 6.28 -13.11
C PHE B 36 -12.40 5.83 -12.77
N ILE B 37 -12.03 4.63 -13.15
CA ILE B 37 -10.74 4.08 -12.76
C ILE B 37 -9.61 4.67 -13.60
N GLN B 38 -9.79 4.74 -14.93
CA GLN B 38 -8.78 5.42 -15.76
C GLN B 38 -8.48 6.83 -15.26
N ASP B 39 -9.51 7.58 -14.88
CA ASP B 39 -9.30 8.95 -14.46
C ASP B 39 -8.74 9.06 -13.06
N ALA B 40 -8.97 8.03 -12.24
CA ALA B 40 -8.51 8.11 -10.86
C ALA B 40 -7.03 7.74 -10.73
N VAL B 41 -6.52 6.87 -11.60
CA VAL B 41 -5.17 6.33 -11.45
C VAL B 41 -4.14 7.33 -11.96
N CYS B 42 -3.02 7.49 -11.21
CA CYS B 42 -1.87 8.24 -11.71
C CYS B 42 -1.62 7.80 -13.14
N ASN B 43 -1.37 8.77 -14.03
CA ASN B 43 -1.18 8.45 -15.44
C ASN B 43 0.06 7.61 -15.65
N GLY B 44 1.12 7.88 -14.89
CA GLY B 44 2.31 7.06 -15.01
C GLY B 44 2.08 5.60 -14.71
N ASP B 45 0.96 5.26 -14.09
CA ASP B 45 0.68 3.86 -13.79
C ASP B 45 -0.32 3.22 -14.75
N LEU B 46 -0.96 3.97 -15.67
CA LEU B 46 -1.96 3.34 -16.55
C LEU B 46 -1.37 2.19 -17.36
N GLY B 47 -0.10 2.27 -17.74
CA GLY B 47 0.47 1.17 -18.52
C GLY B 47 0.50 -0.11 -17.72
N ALA B 48 0.83 0.01 -16.44
CA ALA B 48 0.91 -1.18 -15.60
C ALA B 48 -0.47 -1.71 -15.30
N VAL B 49 -1.46 -0.84 -15.16
CA VAL B 49 -2.84 -1.33 -15.02
C VAL B 49 -3.25 -2.13 -16.25
N ALA B 50 -2.92 -1.65 -17.45
CA ALA B 50 -3.38 -2.34 -18.63
C ALA B 50 -2.68 -3.68 -18.77
N ALA B 51 -1.43 -3.74 -18.36
CA ALA B 51 -0.67 -4.98 -18.49
C ALA B 51 -1.16 -5.99 -17.46
N LEU B 52 -1.51 -5.53 -16.26
CA LEU B 52 -1.97 -6.47 -15.25
C LEU B 52 -3.41 -6.91 -15.54
N ASN B 53 -4.21 -6.01 -16.11
CA ASN B 53 -5.56 -6.33 -16.53
C ASN B 53 -5.56 -7.41 -17.60
N SER B 54 -4.53 -7.43 -18.43
CA SER B 54 -4.48 -8.35 -19.57
C SER B 54 -4.49 -9.80 -19.16
N GLY B 55 -4.10 -10.15 -17.96
CA GLY B 55 -4.11 -11.58 -17.66
C GLY B 55 -2.79 -12.25 -17.90
N LEU B 56 -1.74 -11.47 -18.22
CA LEU B 56 -0.37 -11.96 -18.38
C LEU B 56 -0.05 -13.08 -17.40
N PRO B 57 0.16 -14.32 -17.86
CA PRO B 57 0.21 -15.41 -16.87
C PRO B 57 1.29 -15.18 -15.85
N MET B 58 0.92 -15.32 -14.58
CA MET B 58 1.84 -15.10 -13.47
C MET B 58 1.28 -15.73 -12.21
N ALA B 59 2.18 -15.98 -11.26
CA ALA B 59 1.74 -16.53 -10.00
C ALA B 59 0.98 -15.43 -9.25
N PRO B 60 0.08 -15.81 -8.35
CA PRO B 60 -0.68 -14.78 -7.63
C PRO B 60 0.22 -13.91 -6.79
N TYR B 61 1.30 -14.47 -6.23
CA TYR B 61 2.17 -13.62 -5.46
C TYR B 61 2.85 -12.62 -6.36
N MET B 62 3.05 -12.95 -7.64
CA MET B 62 3.63 -11.92 -8.50
C MET B 62 2.61 -10.85 -8.79
N LEU B 63 1.33 -11.21 -8.89
CA LEU B 63 0.32 -10.18 -9.12
C LEU B 63 0.27 -9.24 -7.92
N GLU B 64 0.32 -9.80 -6.71
CA GLU B 64 0.30 -9.00 -5.49
C GLU B 64 1.49 -8.06 -5.39
N ALA B 65 2.71 -8.57 -5.62
CA ALA B 65 3.87 -7.72 -5.55
C ALA B 65 3.85 -6.61 -6.61
N LEU B 66 3.27 -6.87 -7.77
CA LEU B 66 3.24 -5.87 -8.85
C LEU B 66 2.10 -4.86 -8.72
N LEU B 67 1.16 -5.07 -7.81
CA LEU B 67 0.00 -4.17 -7.74
C LEU B 67 0.37 -2.91 -6.94
N ALA B 68 1.25 -2.13 -7.52
CA ALA B 68 1.65 -0.84 -6.94
C ALA B 68 1.00 0.27 -7.78
N VAL B 69 -0.24 0.60 -7.46
CA VAL B 69 -1.05 1.48 -8.29
C VAL B 69 -1.42 2.68 -7.44
N ARG B 70 -0.94 3.87 -7.85
N ARG B 70 -1.00 3.87 -7.86
CA ARG B 70 -1.23 5.11 -7.15
CA ARG B 70 -1.24 5.09 -7.12
C ARG B 70 -2.44 5.78 -7.77
C ARG B 70 -2.39 5.88 -7.75
N VAL B 71 -3.33 6.33 -6.90
CA VAL B 71 -4.34 7.27 -7.34
C VAL B 71 -3.74 8.67 -7.41
N LYS B 72 -4.34 9.50 -8.25
CA LYS B 72 -3.89 10.87 -8.40
C LYS B 72 -3.98 11.62 -7.09
N HIS B 73 -3.32 12.78 -7.06
CA HIS B 73 -3.20 13.55 -5.84
C HIS B 73 -4.53 14.08 -5.36
N ARG B 74 -5.45 14.38 -6.28
CA ARG B 74 -6.75 14.89 -5.89
C ARG B 74 -7.58 13.88 -5.11
N LEU B 75 -7.16 12.60 -5.06
CA LEU B 75 -7.84 11.55 -4.32
C LEU B 75 -7.05 11.11 -3.09
N THR B 76 -6.09 11.91 -2.65
CA THR B 76 -5.25 11.55 -1.52
C THR B 76 -6.08 11.22 -0.29
N LYS B 77 -7.23 11.90 -0.10
CA LYS B 77 -7.97 11.67 1.12
C LYS B 77 -8.50 10.23 1.22
N VAL B 78 -8.82 9.60 0.08
CA VAL B 78 -9.40 8.26 0.13
C VAL B 78 -8.41 7.21 -0.32
N ARG B 79 -7.13 7.57 -0.42
CA ARG B 79 -6.16 6.67 -1.06
C ARG B 79 -6.15 5.33 -0.39
N GLN B 80 -6.21 5.27 0.95
CA GLN B 80 -6.06 3.99 1.63
C GLN B 80 -7.31 3.11 1.61
N THR B 81 -8.43 3.60 1.07
CA THR B 81 -9.56 2.73 0.72
C THR B 81 -9.73 2.57 -0.78
N LEU B 82 -9.52 3.63 -1.56
CA LEU B 82 -9.74 3.50 -2.99
C LEU B 82 -8.69 2.62 -3.67
N GLU B 83 -7.45 2.71 -3.22
CA GLU B 83 -6.41 1.91 -3.87
C GLU B 83 -6.62 0.42 -3.68
N PRO B 84 -6.87 -0.07 -2.51
CA PRO B 84 -7.24 -1.49 -2.38
C PRO B 84 -8.43 -1.87 -3.25
N VAL B 85 -9.41 -0.97 -3.40
CA VAL B 85 -10.54 -1.31 -4.26
C VAL B 85 -10.10 -1.45 -5.70
N ILE B 86 -9.29 -0.49 -6.19
CA ILE B 86 -8.85 -0.54 -7.59
C ILE B 86 -7.97 -1.77 -7.81
N CYS B 87 -7.16 -2.10 -6.81
CA CYS B 87 -6.25 -3.23 -6.94
C CYS B 87 -7.00 -4.54 -6.98
N TYR B 88 -8.04 -4.67 -6.13
CA TYR B 88 -8.94 -5.82 -6.21
C TYR B 88 -9.59 -5.90 -7.59
N THR B 89 -9.96 -4.74 -8.19
CA THR B 89 -10.68 -4.79 -9.45
C THR B 89 -9.77 -5.22 -10.58
N ILE B 90 -8.51 -4.77 -10.53
CA ILE B 90 -7.52 -5.20 -11.52
C ILE B 90 -7.28 -6.69 -11.41
N SER B 91 -7.18 -7.21 -10.18
CA SER B 91 -6.99 -8.65 -9.98
C SER B 91 -8.16 -9.45 -10.53
N VAL B 92 -9.39 -8.90 -10.50
CA VAL B 92 -10.52 -9.61 -11.10
C VAL B 92 -10.44 -9.56 -12.63
N ALA B 93 -10.17 -8.38 -13.20
CA ALA B 93 -9.87 -8.32 -14.63
C ALA B 93 -8.83 -9.38 -14.99
N HIS B 94 -7.77 -9.48 -14.20
CA HIS B 94 -6.67 -10.41 -14.49
C HIS B 94 -7.12 -11.87 -14.48
N LEU B 95 -7.92 -12.25 -13.48
CA LEU B 95 -8.51 -13.58 -13.49
C LEU B 95 -9.43 -13.83 -14.70
N ILE B 96 -10.33 -12.90 -15.02
CA ILE B 96 -11.23 -13.13 -16.13
C ILE B 96 -10.43 -13.30 -17.42
N ASN B 97 -9.50 -12.37 -17.68
CA ASN B 97 -8.74 -12.46 -18.93
C ASN B 97 -7.80 -13.65 -18.92
N GLY B 98 -7.12 -13.89 -17.82
CA GLY B 98 -6.22 -15.03 -17.80
C GLY B 98 -6.93 -16.35 -17.93
N THR B 99 -8.14 -16.47 -17.39
CA THR B 99 -8.95 -17.66 -17.61
C THR B 99 -9.19 -17.86 -19.11
N ARG B 100 -9.38 -16.77 -19.86
CA ARG B 100 -9.60 -16.88 -21.30
C ARG B 100 -8.32 -17.29 -22.02
N ILE B 101 -7.17 -16.77 -21.56
CA ILE B 101 -5.86 -17.11 -22.11
C ILE B 101 -5.58 -18.60 -21.94
N LEU B 102 -5.85 -19.12 -20.74
CA LEU B 102 -5.62 -20.53 -20.44
C LEU B 102 -6.39 -21.45 -21.37
N ARG B 103 -7.65 -21.15 -21.61
CA ARG B 103 -8.51 -21.97 -22.45
C ARG B 103 -7.99 -21.95 -23.86
N SER B 104 -7.57 -20.79 -24.34
CA SER B 104 -7.02 -20.65 -25.69
C SER B 104 -5.68 -21.34 -25.79
N ALA B 105 -4.82 -21.16 -24.78
CA ALA B 105 -3.50 -21.80 -24.79
C ALA B 105 -3.66 -23.30 -24.79
N THR B 106 -4.66 -23.78 -24.05
CA THR B 106 -4.90 -25.22 -23.97
C THR B 106 -5.29 -25.76 -25.34
N ALA B 107 -6.17 -25.05 -26.05
CA ALA B 107 -6.56 -25.48 -27.39
C ALA B 107 -5.40 -25.41 -28.36
N LYS B 108 -4.57 -24.36 -28.28
CA LYS B 108 -3.46 -24.26 -29.21
C LYS B 108 -2.46 -25.36 -28.97
N HIS B 109 -2.25 -25.73 -27.70
CA HIS B 109 -1.31 -26.79 -27.38
C HIS B 109 -1.84 -28.15 -27.80
N ALA B 110 -3.13 -28.41 -27.58
CA ALA B 110 -3.67 -29.71 -27.93
C ALA B 110 -3.75 -29.89 -29.44
N THR B 111 -3.81 -28.80 -30.22
CA THR B 111 -3.92 -28.88 -31.67
C THR B 111 -2.70 -28.31 -32.41
N ALA B 112 -1.55 -28.13 -31.75
CA ALA B 112 -0.42 -27.55 -32.48
C ALA B 112 -0.02 -28.43 -33.65
N TRP B 113 -0.12 -29.74 -33.46
CA TRP B 113 0.23 -30.74 -34.46
C TRP B 113 -0.98 -31.58 -34.85
N GLY B 114 -1.33 -31.53 -36.14
CA GLY B 114 -2.34 -32.42 -36.70
C GLY B 114 -1.77 -33.80 -36.95
N PRO B 115 -2.60 -34.69 -37.54
CA PRO B 115 -2.11 -36.06 -37.78
C PRO B 115 -0.86 -36.08 -38.61
N ASN B 116 -0.84 -35.28 -39.67
CA ASN B 116 0.33 -35.30 -40.55
C ASN B 116 1.56 -34.76 -39.85
N ASP B 117 1.39 -33.78 -38.95
CA ASP B 117 2.54 -33.21 -38.25
C ASP B 117 3.07 -34.17 -37.20
N LYS B 118 2.17 -34.89 -36.52
CA LYS B 118 2.61 -35.97 -35.64
C LYS B 118 3.38 -37.03 -36.40
N HIS B 119 2.90 -37.39 -37.59
CA HIS B 119 3.61 -38.35 -38.40
C HIS B 119 4.99 -37.84 -38.80
N ARG B 120 5.09 -36.57 -39.19
CA ARG B 120 6.40 -36.01 -39.53
C ARG B 120 7.39 -36.17 -38.37
N ALA B 121 6.95 -35.87 -37.15
CA ALA B 121 7.85 -35.97 -35.99
C ALA B 121 8.19 -37.41 -35.66
N GLU B 122 7.22 -38.32 -35.74
CA GLU B 122 7.50 -39.69 -35.38
C GLU B 122 8.44 -40.31 -36.40
N SER B 123 8.35 -39.88 -37.65
CA SER B 123 9.22 -40.39 -38.70
C SER B 123 10.64 -39.88 -38.50
N GLY B 124 10.81 -38.55 -38.32
CA GLY B 124 12.12 -38.00 -38.02
C GLY B 124 12.74 -38.60 -36.76
N LEU B 125 11.89 -39.01 -35.82
CA LEU B 125 12.34 -39.51 -34.53
C LEU B 125 12.77 -40.95 -34.66
N ARG B 126 12.05 -41.72 -35.49
CA ARG B 126 12.43 -43.10 -35.76
C ARG B 126 13.79 -43.14 -36.46
N ARG B 127 14.06 -42.18 -37.34
CA ARG B 127 15.40 -42.05 -37.92
C ARG B 127 16.44 -41.83 -36.83
N ILE B 128 16.18 -40.91 -35.89
CA ILE B 128 17.11 -40.69 -34.78
C ILE B 128 17.32 -41.99 -34.01
N TYR B 129 16.23 -42.66 -33.68
CA TYR B 129 16.35 -43.87 -32.89
C TYR B 129 17.08 -44.96 -33.66
N ARG B 130 16.89 -45.02 -34.98
CA ARG B 130 17.55 -46.08 -35.75
C ARG B 130 19.05 -45.86 -35.76
N ALA B 131 19.45 -44.64 -36.07
CA ALA B 131 20.85 -44.26 -36.09
C ALA B 131 21.52 -44.38 -34.73
N LEU B 132 20.75 -44.58 -33.67
CA LEU B 132 21.29 -44.68 -32.33
C LEU B 132 21.06 -46.08 -31.75
N ASN B 133 20.45 -46.97 -32.52
CA ASN B 133 20.23 -48.33 -32.07
C ASN B 133 19.45 -48.35 -30.76
N LEU B 134 18.43 -47.49 -30.68
CA LEU B 134 17.56 -47.43 -29.52
C LEU B 134 16.26 -48.15 -29.81
N GLU B 135 15.71 -48.76 -28.76
CA GLU B 135 14.49 -49.54 -28.87
C GLU B 135 13.23 -48.70 -28.74
N ASP B 136 13.34 -47.46 -28.26
CA ASP B 136 12.17 -46.68 -27.87
C ASP B 136 11.17 -46.54 -29.01
N ASN B 137 9.90 -46.44 -28.64
CA ASN B 137 8.84 -46.18 -29.60
C ASN B 137 8.77 -44.68 -29.91
N PRO B 138 9.03 -44.27 -31.16
CA PRO B 138 8.88 -42.84 -31.50
C PRO B 138 7.48 -42.30 -31.25
N PHE B 139 6.47 -43.18 -31.26
CA PHE B 139 5.09 -42.79 -31.03
C PHE B 139 4.89 -42.27 -29.61
N ASP B 140 5.53 -42.88 -28.62
CA ASP B 140 5.27 -42.48 -27.24
C ASP B 140 5.68 -41.05 -26.98
N LEU B 141 6.89 -40.66 -27.43
CA LEU B 141 7.33 -39.29 -27.19
C LEU B 141 6.44 -38.28 -27.93
N VAL B 142 6.06 -38.58 -29.17
CA VAL B 142 5.23 -37.63 -29.90
C VAL B 142 3.86 -37.51 -29.24
N GLU B 143 3.35 -38.60 -28.68
CA GLU B 143 2.07 -38.49 -27.97
C GLU B 143 2.20 -37.62 -26.73
N ALA B 144 3.34 -37.69 -26.04
CA ALA B 144 3.49 -37.02 -24.77
C ALA B 144 3.58 -35.52 -24.92
N VAL B 145 4.09 -35.02 -26.06
CA VAL B 145 4.17 -33.57 -26.19
C VAL B 145 2.79 -32.94 -26.35
N GLY B 146 1.77 -33.74 -26.66
CA GLY B 146 0.40 -33.25 -26.75
C GLY B 146 -0.48 -33.61 -25.56
N ASP B 147 0.10 -34.05 -24.47
CA ASP B 147 -0.64 -34.50 -23.30
C ASP B 147 -0.38 -33.54 -22.15
N LEU B 148 -1.46 -33.02 -21.56
CA LEU B 148 -1.30 -32.18 -20.38
C LEU B 148 -1.26 -32.96 -19.09
N ASP B 149 -1.64 -34.24 -19.14
CA ASP B 149 -1.69 -35.08 -17.95
C ASP B 149 -0.34 -35.76 -17.75
N LEU B 150 0.66 -34.92 -17.52
CA LEU B 150 2.00 -35.34 -17.26
C LEU B 150 2.39 -34.83 -15.89
N SER B 151 2.84 -35.74 -15.02
CA SER B 151 3.47 -35.32 -13.78
C SER B 151 4.64 -34.39 -14.06
N GLN B 152 4.96 -33.53 -13.09
CA GLN B 152 6.24 -32.83 -13.21
C GLN B 152 7.38 -33.81 -13.38
N GLY B 153 7.19 -35.05 -12.92
CA GLY B 153 8.20 -36.08 -13.09
C GLY B 153 8.38 -36.51 -14.53
N ALA B 154 7.30 -36.96 -15.19
CA ALA B 154 7.43 -37.39 -16.58
C ALA B 154 7.90 -36.25 -17.48
N TYR B 155 7.49 -35.02 -17.18
CA TYR B 155 7.93 -33.89 -17.99
C TYR B 155 9.44 -33.78 -17.97
N GLU B 156 10.02 -33.56 -16.79
CA GLU B 156 11.47 -33.43 -16.70
C GLU B 156 12.17 -34.63 -17.36
N GLY B 157 11.55 -35.81 -17.33
CA GLY B 157 12.17 -36.98 -17.94
C GLY B 157 12.14 -36.98 -19.45
N TYR B 158 11.08 -36.42 -20.06
CA TYR B 158 11.03 -36.33 -21.51
C TYR B 158 12.02 -35.28 -22.01
N VAL B 159 12.11 -34.14 -21.31
CA VAL B 159 13.14 -33.15 -21.60
C VAL B 159 14.53 -33.80 -21.59
N ARG B 160 14.83 -34.54 -20.53
CA ARG B 160 16.16 -35.13 -20.40
C ARG B 160 16.42 -36.15 -21.49
N HIS B 161 15.39 -36.91 -21.88
CA HIS B 161 15.52 -37.80 -23.02
C HIS B 161 15.89 -37.02 -24.28
N ILE B 162 15.18 -35.93 -24.55
CA ILE B 162 15.48 -35.12 -25.74
C ILE B 162 16.91 -34.60 -25.66
N TYR B 163 17.30 -34.07 -24.49
CA TYR B 163 18.65 -33.53 -24.31
C TYR B 163 19.72 -34.57 -24.63
N SER B 164 19.47 -35.83 -24.29
CA SER B 164 20.48 -36.86 -24.56
C SER B 164 20.48 -37.34 -26.01
N LEU B 165 19.31 -37.38 -26.67
CA LEU B 165 19.31 -37.55 -28.11
C LEU B 165 20.19 -36.48 -28.76
N MET B 166 20.08 -35.25 -28.27
CA MET B 166 20.84 -34.14 -28.82
C MET B 166 22.35 -34.36 -28.69
N LYS B 167 22.85 -34.69 -27.49
CA LYS B 167 24.29 -34.97 -27.42
C LYS B 167 24.68 -36.15 -28.31
N SER B 168 23.95 -37.27 -28.19
CA SER B 168 24.25 -38.44 -29.01
C SER B 168 24.33 -38.11 -30.50
N LEU B 169 23.71 -37.00 -30.92
CA LEU B 169 23.82 -36.54 -32.28
C LEU B 169 24.93 -35.53 -32.44
N GLY B 170 25.86 -35.48 -31.49
CA GLY B 170 26.91 -34.51 -31.54
C GLY B 170 26.53 -33.13 -31.06
N HIS B 171 25.26 -32.91 -30.75
CA HIS B 171 24.83 -31.58 -30.33
C HIS B 171 25.32 -31.34 -28.91
N ASP B 172 26.20 -30.38 -28.71
CA ASP B 172 26.59 -30.05 -27.34
C ASP B 172 25.53 -29.07 -26.83
N VAL B 173 24.62 -29.58 -26.01
CA VAL B 173 23.46 -28.80 -25.61
C VAL B 173 23.89 -27.56 -24.85
N GLY B 174 24.94 -27.68 -24.04
CA GLY B 174 25.43 -26.58 -23.24
C GLY B 174 26.02 -25.45 -24.07
N HIS B 175 27.04 -25.76 -24.88
CA HIS B 175 27.64 -24.73 -25.73
C HIS B 175 26.55 -23.95 -26.47
N LEU B 176 25.62 -24.68 -27.10
CA LEU B 176 24.60 -24.04 -27.92
C LEU B 176 23.76 -23.07 -27.09
N SER B 177 23.13 -23.58 -26.02
CA SER B 177 22.10 -22.82 -25.32
C SER B 177 22.65 -21.68 -24.48
N ARG B 178 23.90 -21.77 -24.01
CA ARG B 178 24.39 -20.75 -23.07
C ARG B 178 24.36 -19.36 -23.67
N SER B 179 24.62 -19.25 -24.98
CA SER B 179 24.80 -17.95 -25.60
C SER B 179 23.52 -17.43 -26.23
N LEU B 180 22.42 -18.15 -26.06
CA LEU B 180 21.16 -17.74 -26.64
C LEU B 180 20.49 -16.70 -25.75
N ASP B 181 19.64 -15.87 -26.36
CA ASP B 181 18.86 -14.88 -25.61
C ASP B 181 17.44 -15.41 -25.43
N TYR B 182 17.13 -15.80 -24.19
CA TYR B 182 15.81 -16.26 -23.76
C TYR B 182 14.94 -15.14 -23.21
N SER B 183 15.42 -13.91 -23.17
CA SER B 183 14.64 -12.80 -22.67
C SER B 183 13.21 -12.83 -23.20
N THR B 184 13.07 -12.85 -24.53
CA THR B 184 11.75 -12.61 -25.10
C THR B 184 10.75 -13.70 -24.78
N MET B 185 11.20 -14.85 -24.27
N MET B 185 11.21 -14.86 -24.26
CA MET B 185 10.29 -15.92 -23.96
CA MET B 185 10.29 -15.94 -23.96
C MET B 185 9.30 -15.51 -22.86
C MET B 185 9.33 -15.56 -22.83
N THR B 186 9.77 -14.73 -21.89
CA THR B 186 8.99 -14.41 -20.69
C THR B 186 8.46 -12.99 -20.61
N VAL B 187 8.61 -12.16 -21.64
CA VAL B 187 8.07 -10.80 -21.56
C VAL B 187 6.56 -10.83 -21.37
N PHE B 188 5.86 -11.83 -21.93
CA PHE B 188 4.41 -11.91 -21.81
C PHE B 188 3.92 -13.07 -20.95
N ASN B 189 4.82 -13.77 -20.24
CA ASN B 189 4.42 -14.96 -19.47
C ASN B 189 5.46 -15.17 -18.38
N TYR B 190 5.04 -14.97 -17.13
CA TYR B 190 5.92 -15.14 -16.00
C TYR B 190 5.82 -16.51 -15.39
N LEU B 191 5.14 -17.43 -16.05
CA LEU B 191 5.08 -18.81 -15.59
C LEU B 191 5.89 -19.73 -16.49
N TYR B 192 6.26 -19.26 -17.67
CA TYR B 192 6.98 -20.13 -18.59
C TYR B 192 8.43 -20.25 -18.15
N GLU B 193 8.95 -21.46 -18.22
CA GLU B 193 10.30 -21.84 -17.77
C GLU B 193 10.98 -22.48 -18.96
N SER B 194 11.90 -21.78 -19.59
CA SER B 194 12.36 -22.22 -20.88
C SER B 194 13.29 -23.42 -20.77
N PRO B 195 13.14 -24.41 -21.66
CA PRO B 195 14.18 -25.42 -21.81
C PRO B 195 15.38 -24.82 -22.52
N LEU B 196 16.45 -25.60 -22.57
CA LEU B 196 17.59 -25.19 -23.40
C LEU B 196 17.28 -25.49 -24.86
N PHE B 197 16.93 -24.46 -25.59
CA PHE B 197 16.83 -24.60 -27.03
C PHE B 197 18.22 -24.45 -27.67
N THR B 198 18.28 -24.88 -28.92
CA THR B 198 19.53 -25.13 -29.62
C THR B 198 19.86 -24.04 -30.62
N SER B 199 18.93 -23.14 -30.91
CA SER B 199 19.15 -22.12 -31.89
C SER B 199 18.27 -20.94 -31.55
N GLN B 200 18.71 -19.77 -31.99
CA GLN B 200 17.93 -18.55 -31.79
C GLN B 200 16.71 -18.53 -32.68
N GLU B 201 16.80 -19.15 -33.86
CA GLU B 201 15.64 -19.31 -34.69
C GLU B 201 14.50 -20.00 -33.92
N ALA B 202 14.80 -21.04 -33.15
CA ALA B 202 13.76 -21.66 -32.32
C ALA B 202 13.20 -20.66 -31.33
N VAL B 203 14.08 -19.95 -30.62
CA VAL B 203 13.65 -19.07 -29.53
C VAL B 203 12.76 -17.98 -30.08
N THR B 204 13.13 -17.45 -31.23
CA THR B 204 12.32 -16.40 -31.87
C THR B 204 10.92 -16.90 -32.16
N MET B 205 10.79 -18.03 -32.82
CA MET B 205 9.43 -18.44 -33.17
C MET B 205 8.67 -18.83 -31.91
N TYR B 206 9.33 -19.49 -30.94
CA TYR B 206 8.60 -19.88 -29.75
C TYR B 206 8.20 -18.65 -28.93
N SER B 207 8.97 -17.57 -29.01
CA SER B 207 8.58 -16.35 -28.32
C SER B 207 7.35 -15.73 -28.91
N ARG B 208 7.17 -15.85 -30.24
CA ARG B 208 5.93 -15.37 -30.84
C ARG B 208 4.75 -16.22 -30.45
N ASN B 209 4.96 -17.53 -30.28
CA ASN B 209 3.86 -18.35 -29.78
C ASN B 209 3.41 -17.85 -28.40
N LEU B 210 4.37 -17.59 -27.49
CA LEU B 210 4.04 -17.17 -26.12
C LEU B 210 3.46 -15.78 -26.11
N ALA B 211 3.96 -14.90 -26.98
CA ALA B 211 3.32 -13.61 -27.14
C ALA B 211 1.88 -13.81 -27.58
N GLY B 212 1.66 -14.71 -28.52
CA GLY B 212 0.33 -14.89 -29.10
C GLY B 212 -0.64 -15.49 -28.10
N ILE B 213 -0.12 -16.23 -27.14
CA ILE B 213 -0.98 -16.75 -26.08
C ILE B 213 -1.56 -15.60 -25.29
N THR B 214 -0.69 -14.77 -24.72
CA THR B 214 -1.16 -13.70 -23.86
C THR B 214 -1.95 -12.68 -24.64
N LYS B 215 -1.59 -12.43 -25.89
CA LYS B 215 -2.30 -11.45 -26.68
C LYS B 215 -3.38 -12.06 -27.58
N MET B 216 -3.75 -13.31 -27.36
CA MET B 216 -4.89 -13.91 -28.04
C MET B 216 -4.78 -13.85 -29.56
N SER B 217 -3.61 -14.20 -30.07
CA SER B 217 -3.54 -14.47 -31.48
C SER B 217 -4.48 -15.64 -31.78
N ARG B 218 -5.18 -15.56 -32.89
CA ARG B 218 -5.92 -16.70 -33.37
C ARG B 218 -5.11 -17.61 -34.28
N GLU B 219 -3.84 -17.31 -34.50
CA GLU B 219 -3.00 -18.25 -35.24
C GLU B 219 -2.67 -19.45 -34.35
N PRO B 220 -2.57 -20.65 -34.93
CA PRO B 220 -2.00 -21.78 -34.18
C PRO B 220 -0.52 -21.56 -33.92
N PHE B 221 0.00 -22.33 -32.98
CA PHE B 221 1.42 -22.28 -32.70
C PHE B 221 2.17 -22.48 -34.00
N GLU B 222 3.30 -21.80 -34.13
CA GLU B 222 4.26 -22.14 -35.17
C GLU B 222 5.26 -23.13 -34.59
N THR B 223 5.54 -24.19 -35.33
CA THR B 223 6.61 -25.10 -34.99
C THR B 223 7.57 -25.15 -36.18
N LEU B 224 8.84 -25.43 -35.88
CA LEU B 224 9.85 -25.48 -36.92
C LEU B 224 9.57 -26.60 -37.90
N SER B 225 9.19 -27.78 -37.38
CA SER B 225 8.99 -28.91 -38.25
C SER B 225 7.86 -28.65 -39.25
N VAL B 226 6.85 -27.93 -38.82
CA VAL B 226 5.71 -27.68 -39.71
C VAL B 226 6.07 -26.59 -40.70
N VAL B 227 6.63 -25.50 -40.20
CA VAL B 227 6.89 -24.34 -41.06
C VAL B 227 7.89 -24.71 -42.14
N HIS B 228 8.97 -25.40 -41.79
CA HIS B 228 9.97 -25.78 -42.79
C HIS B 228 9.74 -27.18 -43.32
N ARG B 229 8.61 -27.81 -43.00
CA ARG B 229 8.32 -29.18 -43.42
C ARG B 229 9.56 -30.04 -43.30
N SER B 230 10.16 -30.01 -42.13
CA SER B 230 11.40 -30.70 -41.89
C SER B 230 11.20 -31.77 -40.84
N LYS B 231 11.88 -32.89 -41.06
CA LYS B 231 11.97 -34.03 -40.17
C LYS B 231 13.28 -34.07 -39.42
N GLU B 232 14.18 -33.03 -39.64
CA GLU B 232 15.54 -33.10 -39.15
C GLU B 232 15.58 -32.86 -37.64
N PRO B 233 16.59 -33.37 -36.94
CA PRO B 233 16.51 -33.44 -35.46
C PRO B 233 16.44 -32.08 -34.79
N PRO B 234 17.19 -31.08 -35.25
CA PRO B 234 17.04 -29.74 -34.67
C PRO B 234 15.60 -29.31 -34.61
N GLU B 235 14.94 -29.33 -35.77
CA GLU B 235 13.56 -28.85 -35.85
C GLU B 235 12.67 -29.62 -34.89
N ILE B 236 12.61 -30.95 -35.06
CA ILE B 236 11.61 -31.71 -34.32
C ILE B 236 11.93 -31.74 -32.83
N LEU B 237 13.22 -31.81 -32.48
CA LEU B 237 13.58 -31.92 -31.06
C LEU B 237 13.38 -30.58 -30.34
N ASN B 238 13.70 -29.48 -31.01
CA ASN B 238 13.36 -28.20 -30.41
C ASN B 238 11.85 -28.00 -30.30
N ASP B 239 11.08 -28.49 -31.29
CA ASP B 239 9.63 -28.33 -31.21
C ASP B 239 9.07 -29.14 -30.04
N MET B 240 9.60 -30.34 -29.83
CA MET B 240 9.12 -31.16 -28.73
C MET B 240 9.41 -30.51 -27.40
N LEU B 241 10.61 -29.89 -27.26
CA LEU B 241 10.93 -29.22 -26.01
C LEU B 241 9.93 -28.10 -25.77
N PHE B 242 9.55 -27.42 -26.85
CA PHE B 242 8.67 -26.30 -26.73
C PHE B 242 7.27 -26.75 -26.37
N LEU B 243 6.71 -27.71 -27.10
CA LEU B 243 5.36 -28.13 -26.79
C LEU B 243 5.28 -28.71 -25.38
N LEU B 244 6.30 -29.45 -24.96
CA LEU B 244 6.31 -29.96 -23.60
C LEU B 244 6.32 -28.83 -22.60
N SER B 245 7.22 -27.87 -22.79
CA SER B 245 7.39 -26.80 -21.81
C SER B 245 6.18 -25.88 -21.77
N VAL B 246 5.51 -25.66 -22.90
CA VAL B 246 4.30 -24.87 -22.85
C VAL B 246 3.18 -25.68 -22.20
N GLY B 247 3.24 -27.01 -22.33
CA GLY B 247 2.33 -27.83 -21.56
C GLY B 247 2.51 -27.66 -20.07
N ARG B 248 3.76 -27.54 -19.62
N ARG B 248 3.76 -27.54 -19.62
CA ARG B 248 4.02 -27.32 -18.20
CA ARG B 248 4.01 -27.32 -18.21
C ARG B 248 3.52 -25.96 -17.75
C ARG B 248 3.50 -25.97 -17.76
N MET B 249 3.66 -24.94 -18.60
CA MET B 249 3.20 -23.61 -18.21
C MET B 249 1.69 -23.56 -17.99
N ILE B 250 0.95 -24.24 -18.87
CA ILE B 250 -0.51 -24.32 -18.81
C ILE B 250 -0.96 -24.96 -17.52
N VAL B 251 -0.31 -26.06 -17.12
CA VAL B 251 -0.60 -26.70 -15.84
C VAL B 251 -0.36 -25.73 -14.69
N LEU B 252 0.81 -25.09 -14.66
CA LEU B 252 1.07 -24.09 -13.63
C LEU B 252 0.10 -22.92 -13.72
N HIS B 253 -0.28 -22.53 -14.93
CA HIS B 253 -1.20 -21.41 -15.09
C HIS B 253 -2.57 -21.78 -14.53
N GLN B 254 -3.02 -23.00 -14.75
CA GLN B 254 -4.30 -23.41 -14.18
C GLN B 254 -4.21 -23.44 -12.66
N GLU B 255 -3.09 -23.90 -12.12
CA GLU B 255 -2.95 -23.84 -10.68
C GLU B 255 -2.91 -22.39 -10.18
N SER B 256 -2.27 -21.48 -10.92
CA SER B 256 -2.23 -20.08 -10.46
C SER B 256 -3.64 -19.48 -10.40
N LEU B 257 -4.45 -19.72 -11.42
CA LEU B 257 -5.78 -19.13 -11.45
C LEU B 257 -6.64 -19.71 -10.32
N ARG B 258 -6.48 -21.01 -10.01
CA ARG B 258 -7.22 -21.52 -8.88
C ARG B 258 -6.80 -20.81 -7.61
N ALA B 259 -5.49 -20.59 -7.42
CA ALA B 259 -5.05 -19.92 -6.20
C ALA B 259 -5.49 -18.46 -6.20
N LEU B 260 -5.52 -17.82 -7.37
CA LEU B 260 -5.98 -16.44 -7.46
C LEU B 260 -7.45 -16.36 -7.12
N ARG B 261 -8.26 -17.31 -7.63
CA ARG B 261 -9.70 -17.28 -7.33
C ARG B 261 -9.93 -17.37 -5.82
N LYS B 262 -9.17 -18.21 -5.14
CA LYS B 262 -9.33 -18.37 -3.70
C LYS B 262 -8.81 -17.17 -2.93
N ASN B 263 -7.66 -16.57 -3.35
N ASN B 263 -7.70 -16.57 -3.36
CA ASN B 263 -7.21 -15.36 -2.67
CA ASN B 263 -7.22 -15.38 -2.66
C ASN B 263 -8.28 -14.29 -2.80
C ASN B 263 -8.19 -14.22 -2.84
N LEU B 264 -8.86 -14.15 -3.99
CA LEU B 264 -9.85 -13.08 -4.20
C LEU B 264 -11.07 -13.27 -3.32
N ILE B 265 -11.54 -14.52 -3.17
CA ILE B 265 -12.67 -14.78 -2.26
C ILE B 265 -12.30 -14.45 -0.81
N LEU B 266 -11.16 -14.93 -0.30
CA LEU B 266 -10.79 -14.58 1.08
C LEU B 266 -10.55 -13.08 1.25
N THR B 267 -9.87 -12.50 0.29
CA THR B 267 -9.53 -11.07 0.37
C THR B 267 -10.80 -10.22 0.34
N ALA B 268 -11.86 -10.71 -0.28
CA ALA B 268 -13.10 -9.93 -0.21
C ALA B 268 -13.47 -9.69 1.26
N SER B 269 -13.17 -10.63 2.12
CA SER B 269 -13.46 -10.42 3.54
C SER B 269 -12.60 -9.31 4.15
N ALA B 270 -11.32 -9.20 3.74
CA ALA B 270 -10.48 -8.09 4.22
C ALA B 270 -10.89 -6.74 3.64
N LEU B 271 -11.30 -6.72 2.36
CA LEU B 271 -11.73 -5.46 1.77
C LEU B 271 -12.97 -4.94 2.45
N CYS B 272 -13.90 -5.86 2.75
N CYS B 272 -13.94 -5.82 2.71
CA CYS B 272 -15.12 -5.47 3.46
CA CYS B 272 -15.10 -5.38 3.48
C CYS B 272 -14.78 -4.85 4.81
C CYS B 272 -14.66 -4.72 4.77
N SER B 273 -13.75 -5.39 5.50
CA SER B 273 -13.33 -4.82 6.79
C SER B 273 -12.71 -3.42 6.63
N ILE B 274 -11.88 -3.22 5.59
CA ILE B 274 -11.34 -1.89 5.26
C ILE B 274 -12.47 -0.92 4.98
N LEU B 275 -13.40 -1.32 4.11
CA LEU B 275 -14.48 -0.41 3.71
C LEU B 275 -15.46 -0.14 4.86
N TYR B 276 -15.55 -1.04 5.85
CA TYR B 276 -16.39 -0.73 7.01
C TYR B 276 -15.90 0.53 7.74
N THR B 277 -14.58 0.71 7.88
CA THR B 277 -14.13 1.88 8.62
C THR B 277 -14.65 3.14 7.93
N ALA B 278 -14.64 3.16 6.59
CA ALA B 278 -15.12 4.32 5.86
C ALA B 278 -16.63 4.46 5.99
N TYR B 279 -17.38 3.35 6.02
CA TYR B 279 -18.83 3.49 6.23
C TYR B 279 -19.10 4.19 7.55
N THR B 280 -18.35 3.83 8.62
CA THR B 280 -18.61 4.44 9.93
C THR B 280 -18.33 5.93 9.91
N GLN B 281 -17.41 6.38 9.06
CA GLN B 281 -17.11 7.79 8.91
C GLN B 281 -18.18 8.51 8.11
N VAL B 282 -18.96 7.81 7.30
CA VAL B 282 -19.97 8.41 6.43
C VAL B 282 -21.23 7.55 6.54
N PRO B 283 -21.89 7.51 7.71
CA PRO B 283 -22.96 6.52 7.95
C PRO B 283 -24.12 6.58 6.99
N GLU B 284 -24.26 7.65 6.22
CA GLU B 284 -25.38 7.61 5.30
C GLU B 284 -25.15 6.65 4.14
N THR B 285 -23.99 5.99 4.07
CA THR B 285 -23.71 4.99 3.05
C THR B 285 -24.19 3.60 3.44
N LYS B 286 -25.03 3.49 4.46
CA LYS B 286 -25.41 2.18 4.98
C LYS B 286 -25.89 1.23 3.89
N SER B 287 -26.84 1.63 3.06
CA SER B 287 -27.39 0.60 2.18
C SER B 287 -26.37 0.19 1.11
N LEU B 288 -25.46 1.09 0.72
CA LEU B 288 -24.40 0.68 -0.21
C LEU B 288 -23.38 -0.23 0.49
N PHE B 289 -23.04 0.08 1.73
CA PHE B 289 -22.11 -0.78 2.41
C PHE B 289 -22.71 -2.16 2.66
N ARG B 290 -23.99 -2.20 3.00
CA ARG B 290 -24.65 -3.47 3.22
C ARG B 290 -24.58 -4.36 1.98
N GLU B 291 -24.67 -3.75 0.80
N GLU B 291 -24.73 -3.75 0.79
CA GLU B 291 -24.59 -4.54 -0.42
CA GLU B 291 -24.59 -4.52 -0.43
C GLU B 291 -23.16 -5.05 -0.67
C GLU B 291 -23.17 -5.09 -0.55
N VAL B 292 -22.15 -4.25 -0.32
CA VAL B 292 -20.77 -4.75 -0.38
C VAL B 292 -20.62 -5.99 0.49
N ALA B 293 -21.15 -5.90 1.71
CA ALA B 293 -20.97 -7.02 2.65
C ALA B 293 -21.78 -8.24 2.23
N HIS B 294 -23.01 -8.03 1.74
CA HIS B 294 -23.78 -9.17 1.26
C HIS B 294 -23.05 -9.84 0.11
N GLU B 295 -22.50 -9.06 -0.81
CA GLU B 295 -21.77 -9.68 -1.91
C GLU B 295 -20.49 -10.39 -1.45
N ALA B 296 -19.77 -9.84 -0.45
CA ALA B 296 -18.61 -10.59 0.05
C ALA B 296 -19.06 -11.90 0.68
N HIS B 297 -20.19 -11.87 1.38
CA HIS B 297 -20.66 -13.10 2.00
C HIS B 297 -21.07 -14.12 0.94
N ALA B 298 -21.77 -13.70 -0.11
CA ALA B 298 -22.13 -14.65 -1.17
C ALA B 298 -20.89 -15.32 -1.77
N LEU B 299 -19.81 -14.60 -1.97
CA LEU B 299 -18.64 -15.20 -2.59
C LEU B 299 -18.04 -16.29 -1.70
N LEU B 300 -17.96 -16.02 -0.40
N LEU B 300 -17.93 -16.02 -0.40
CA LEU B 300 -17.34 -16.95 0.55
CA LEU B 300 -17.36 -17.03 0.47
C LEU B 300 -18.27 -18.12 0.88
C LEU B 300 -18.30 -18.22 0.62
N SER B 301 -19.59 -17.95 0.78
CA SER B 301 -20.52 -18.97 1.25
C SER B 301 -21.30 -19.65 0.14
N SER B 302 -21.04 -19.31 -1.11
CA SER B 302 -21.74 -19.93 -2.23
C SER B 302 -21.46 -21.42 -2.29
N ARG B 303 -22.52 -22.20 -2.41
CA ARG B 303 -22.42 -23.65 -2.58
C ARG B 303 -22.35 -24.05 -4.04
N SER B 304 -22.58 -23.11 -4.96
CA SER B 304 -22.70 -23.48 -6.36
C SER B 304 -21.40 -24.06 -6.90
N PRO B 305 -21.50 -24.86 -7.94
CA PRO B 305 -20.30 -25.47 -8.53
C PRO B 305 -19.63 -24.53 -9.51
N ASP B 306 -20.43 -23.77 -10.25
CA ASP B 306 -19.87 -22.87 -11.23
C ASP B 306 -18.98 -21.84 -10.56
N THR B 307 -18.02 -21.33 -11.32
CA THR B 307 -16.96 -20.48 -10.83
C THR B 307 -17.49 -19.28 -10.08
N PRO B 308 -16.76 -18.80 -9.10
CA PRO B 308 -17.12 -17.53 -8.45
C PRO B 308 -17.16 -16.40 -9.48
N ASN B 309 -18.08 -15.47 -9.27
CA ASN B 309 -18.25 -14.33 -10.17
C ASN B 309 -18.20 -13.06 -9.34
N PHE B 310 -17.09 -12.32 -9.50
CA PHE B 310 -16.73 -11.17 -8.71
C PHE B 310 -17.33 -9.87 -9.22
N ARG B 311 -18.09 -9.91 -10.31
CA ARG B 311 -18.51 -8.66 -10.95
C ARG B 311 -19.45 -7.89 -10.02
N PRO B 312 -20.37 -8.56 -9.34
CA PRO B 312 -21.26 -7.79 -8.46
C PRO B 312 -20.53 -7.18 -7.28
N PHE B 313 -19.66 -7.95 -6.60
CA PHE B 313 -18.88 -7.38 -5.51
C PHE B 313 -18.15 -6.13 -5.94
N VAL B 314 -17.55 -6.16 -7.13
CA VAL B 314 -16.77 -5.01 -7.63
C VAL B 314 -17.68 -3.83 -7.85
N ALA B 315 -18.76 -4.05 -8.57
CA ALA B 315 -19.66 -2.94 -8.83
C ALA B 315 -20.10 -2.31 -7.52
N CYS B 316 -20.37 -3.12 -6.50
CA CYS B 316 -20.86 -2.58 -5.24
C CYS B 316 -19.78 -1.80 -4.54
N MET B 317 -18.55 -2.35 -4.49
CA MET B 317 -17.45 -1.59 -3.89
C MET B 317 -17.28 -0.27 -4.61
N LEU B 318 -17.35 -0.28 -5.95
CA LEU B 318 -17.16 0.98 -6.69
C LEU B 318 -18.29 1.97 -6.42
N GLN B 319 -19.54 1.51 -6.40
CA GLN B 319 -20.64 2.44 -6.12
C GLN B 319 -20.47 3.04 -4.73
N PHE B 320 -20.02 2.23 -3.77
CA PHE B 320 -19.81 2.69 -2.41
C PHE B 320 -18.72 3.76 -2.36
N ILE B 321 -17.57 3.49 -2.96
CA ILE B 321 -16.43 4.36 -2.80
C ILE B 321 -16.72 5.71 -3.45
N LYS B 322 -17.54 5.73 -4.49
CA LYS B 322 -17.91 7.01 -5.07
C LYS B 322 -18.54 7.91 -4.03
N GLN B 323 -19.38 7.36 -3.16
CA GLN B 323 -20.02 8.18 -2.14
C GLN B 323 -19.04 8.57 -1.06
N ILE B 324 -18.04 7.73 -0.79
CA ILE B 324 -16.99 8.08 0.14
C ILE B 324 -16.19 9.25 -0.40
N ILE B 325 -15.87 9.22 -1.69
CA ILE B 325 -15.13 10.34 -2.26
C ILE B 325 -15.91 11.62 -2.07
N ALA B 326 -17.24 11.55 -2.27
CA ALA B 326 -18.06 12.74 -2.20
C ALA B 326 -18.10 13.33 -0.81
N ALA B 327 -17.88 12.52 0.23
CA ALA B 327 -18.00 13.03 1.59
C ALA B 327 -16.81 13.87 2.04
N ASP B 328 -15.74 13.91 1.26
CA ASP B 328 -14.62 14.78 1.56
C ASP B 328 -14.03 14.56 2.96
N VAL B 329 -13.76 13.30 3.30
CA VAL B 329 -13.06 12.95 4.53
C VAL B 329 -11.88 12.05 4.22
N TYR B 330 -10.86 12.10 5.11
CA TYR B 330 -9.72 11.18 5.07
C TYR B 330 -10.14 9.81 5.55
N THR B 331 -9.96 8.79 4.69
CA THR B 331 -10.21 7.39 5.04
C THR B 331 -8.87 6.67 5.23
N CYS B 332 -8.50 6.47 6.50
CA CYS B 332 -7.22 5.89 6.91
C CYS B 332 -7.55 4.75 7.86
N PRO B 333 -7.82 3.56 7.35
CA PRO B 333 -8.44 2.53 8.22
C PRO B 333 -7.58 2.16 9.39
N ARG B 334 -6.26 2.17 9.23
CA ARG B 334 -5.41 1.76 10.32
C ARG B 334 -5.31 2.85 11.38
N TYR B 335 -5.14 4.11 10.97
CA TYR B 335 -5.28 5.24 11.86
C TYR B 335 -6.60 5.22 12.61
N LEU B 336 -7.71 5.01 11.90
CA LEU B 336 -8.99 5.10 12.59
C LEU B 336 -9.11 4.02 13.65
N THR B 337 -8.75 2.78 13.29
CA THR B 337 -8.81 1.63 14.20
C THR B 337 -7.86 1.81 15.37
N ASN B 338 -6.67 2.35 15.13
CA ASN B 338 -5.73 2.60 16.22
C ASN B 338 -6.31 3.63 17.18
N GLN B 339 -6.85 4.73 16.64
CA GLN B 339 -7.46 5.73 17.50
C GLN B 339 -8.61 5.14 18.31
N ILE B 340 -9.50 4.39 17.65
CA ILE B 340 -10.61 3.73 18.36
C ILE B 340 -10.05 2.78 19.42
N LEU B 341 -9.00 2.07 19.10
CA LEU B 341 -8.41 1.21 20.11
C LEU B 341 -7.84 2.04 21.26
N ALA B 342 -7.13 3.14 20.92
CA ALA B 342 -6.52 4.02 21.92
C ALA B 342 -7.55 4.53 22.93
N VAL B 343 -8.54 5.35 22.53
CA VAL B 343 -9.69 5.53 23.41
C VAL B 343 -10.14 4.12 23.77
N THR B 344 -10.41 3.86 25.04
CA THR B 344 -10.61 2.46 25.49
C THR B 344 -9.26 1.84 25.90
N ASN B 378 -8.73 11.20 22.61
CA ASN B 378 -9.45 12.01 21.60
C ASN B 378 -10.19 11.05 20.61
N ASN B 379 -11.43 11.44 20.32
CA ASN B 379 -12.38 10.61 19.59
C ASN B 379 -12.32 10.99 18.12
N PRO B 380 -11.82 10.13 17.22
CA PRO B 380 -11.65 10.57 15.82
C PRO B 380 -12.96 11.04 15.17
N TYR B 381 -14.10 10.57 15.67
CA TYR B 381 -15.34 10.98 15.04
C TYR B 381 -15.73 12.41 15.39
N ASN B 382 -15.07 13.04 16.35
CA ASN B 382 -15.29 14.47 16.58
C ASN B 382 -14.59 15.36 15.57
N ASP B 383 -13.72 14.81 14.74
CA ASP B 383 -12.93 15.58 13.76
C ASP B 383 -13.66 15.63 12.41
N GLN B 384 -13.93 16.83 11.93
CA GLN B 384 -14.71 16.97 10.70
C GLN B 384 -13.94 16.55 9.46
N ASN B 385 -12.64 16.35 9.54
CA ASN B 385 -11.93 15.73 8.44
C ASN B 385 -12.12 14.22 8.41
N ILE B 386 -12.65 13.65 9.49
CA ILE B 386 -12.83 12.22 9.61
C ILE B 386 -14.29 11.82 9.38
N PHE B 387 -15.22 12.49 10.07
CA PHE B 387 -16.60 12.05 10.16
C PHE B 387 -17.51 13.01 9.41
N LYS B 388 -18.38 12.44 8.59
CA LYS B 388 -19.37 13.23 7.87
C LYS B 388 -20.73 12.91 8.49
N CYS B 389 -21.28 13.88 9.19
CA CYS B 389 -22.56 13.66 9.87
C CYS B 389 -23.69 13.48 8.88
N PRO B 390 -24.52 12.45 9.04
CA PRO B 390 -25.74 12.33 8.21
C PRO B 390 -26.79 13.35 8.62
N ARG B 391 -27.78 13.51 7.72
CA ARG B 391 -28.89 14.43 7.98
C ARG B 391 -30.01 13.77 8.79
N SER B 392 -30.48 12.59 8.36
CA SER B 392 -31.42 11.81 9.17
C SER B 392 -30.62 10.89 10.10
N LEU B 393 -30.87 11.02 11.40
CA LEU B 393 -30.08 10.30 12.40
C LEU B 393 -30.72 8.98 12.81
N VAL B 394 -32.06 8.88 12.79
CA VAL B 394 -32.72 7.69 13.30
C VAL B 394 -32.37 6.48 12.43
N HIS B 395 -32.29 6.68 11.10
CA HIS B 395 -31.99 5.58 10.17
C HIS B 395 -30.50 5.22 10.07
N TYR B 396 -29.59 6.00 10.70
CA TYR B 396 -28.16 5.80 10.46
C TYR B 396 -27.21 5.70 11.66
N VAL B 397 -27.50 6.35 12.79
CA VAL B 397 -26.44 6.75 13.72
C VAL B 397 -26.31 5.82 14.92
N GLY B 398 -27.41 5.32 15.44
CA GLY B 398 -27.35 4.74 16.77
C GLY B 398 -27.46 3.24 16.70
N ASP B 399 -28.64 2.72 17.00
CA ASP B 399 -28.89 1.32 16.69
C ASP B 399 -29.15 1.10 15.20
N ALA B 400 -29.30 2.17 14.40
CA ALA B 400 -29.38 1.97 12.96
C ALA B 400 -27.98 1.82 12.33
N LEU B 401 -26.91 1.81 13.13
CA LEU B 401 -25.58 1.58 12.59
C LEU B 401 -25.44 0.12 12.22
N PHE B 402 -25.11 -0.16 10.95
CA PHE B 402 -24.73 -1.51 10.53
C PHE B 402 -23.58 -1.97 11.39
N LYS B 403 -23.66 -3.20 11.89
CA LYS B 403 -22.71 -3.71 12.87
C LYS B 403 -21.69 -4.64 12.21
N LYS B 404 -20.43 -4.42 12.52
CA LYS B 404 -19.37 -5.38 12.24
C LYS B 404 -18.41 -5.31 13.40
N THR B 405 -18.30 -6.36 14.18
CA THR B 405 -17.41 -6.25 15.33
C THR B 405 -15.97 -6.11 14.87
N MET B 406 -15.32 -5.08 15.39
CA MET B 406 -13.94 -4.82 15.06
C MET B 406 -13.06 -5.66 15.98
N THR B 407 -12.10 -6.35 15.41
CA THR B 407 -11.26 -7.31 16.11
C THR B 407 -9.81 -7.05 15.74
N GLN B 408 -8.91 -7.15 16.72
CA GLN B 408 -7.53 -6.71 16.56
C GLN B 408 -6.64 -7.65 17.37
N GLU B 409 -5.65 -8.28 16.74
CA GLU B 409 -4.60 -8.96 17.47
C GLU B 409 -3.63 -7.91 18.03
N LEU B 410 -3.11 -8.14 19.25
CA LEU B 410 -2.13 -7.24 19.85
C LEU B 410 -0.98 -8.02 20.44
N LEU B 411 0.22 -7.49 20.24
CA LEU B 411 1.42 -8.10 20.80
C LEU B 411 1.45 -7.78 22.29
N VAL B 412 1.45 -8.80 23.14
CA VAL B 412 1.39 -8.55 24.57
C VAL B 412 2.60 -9.07 25.32
N SER B 413 3.42 -9.92 24.73
CA SER B 413 4.62 -10.32 25.41
C SER B 413 5.47 -11.10 24.43
N CYS B 414 6.74 -11.25 24.79
CA CYS B 414 7.65 -11.97 23.90
C CYS B 414 8.74 -12.61 24.74
N THR B 415 9.39 -13.60 24.15
CA THR B 415 10.52 -14.26 24.78
C THR B 415 11.56 -14.42 23.69
N ASP B 416 12.66 -15.07 24.03
CA ASP B 416 13.66 -15.40 23.02
C ASP B 416 13.12 -16.37 22.01
N GLN B 417 11.94 -16.96 22.25
CA GLN B 417 11.41 -17.96 21.34
C GLN B 417 10.03 -17.63 20.82
N GLU B 418 9.50 -16.44 21.07
CA GLU B 418 8.14 -16.21 20.66
C GLU B 418 7.75 -14.76 20.82
N ALA B 419 6.67 -14.42 20.11
CA ALA B 419 5.99 -13.14 20.15
C ALA B 419 4.53 -13.48 20.38
N THR B 420 4.03 -13.18 21.56
CA THR B 420 2.70 -13.61 21.97
C THR B 420 1.68 -12.58 21.56
N TYR B 421 0.72 -12.99 20.76
CA TYR B 421 -0.40 -12.14 20.41
C TYR B 421 -1.66 -12.71 21.03
N GLN B 422 -2.53 -11.82 21.49
CA GLN B 422 -3.89 -12.17 21.89
C GLN B 422 -4.87 -11.31 21.09
N THR B 423 -6.09 -11.80 20.97
CA THR B 423 -7.09 -11.12 20.17
C THR B 423 -8.07 -10.38 21.06
N TYR B 424 -8.44 -9.19 20.63
CA TYR B 424 -9.28 -8.26 21.38
C TYR B 424 -10.36 -7.68 20.47
N GLU B 425 -11.60 -7.62 20.99
CA GLU B 425 -12.69 -6.98 20.26
C GLU B 425 -12.75 -5.51 20.64
N LEU B 426 -13.05 -4.70 19.70
CA LEU B 426 -13.08 -3.28 20.04
C LEU B 426 -14.49 -2.89 20.47
N PRO B 427 -14.62 -1.93 21.40
CA PRO B 427 -15.95 -1.43 21.73
C PRO B 427 -16.75 -1.17 20.48
N SER B 428 -18.05 -0.93 20.62
CA SER B 428 -18.75 -0.45 19.46
C SER B 428 -18.33 1.00 19.20
N VAL B 429 -18.19 1.31 17.90
CA VAL B 429 -18.03 2.69 17.46
C VAL B 429 -19.34 3.43 17.55
N SER B 430 -20.41 2.73 17.92
CA SER B 430 -21.73 3.33 17.99
C SER B 430 -21.73 4.53 18.94
N GLU B 431 -21.10 4.36 20.10
CA GLU B 431 -21.05 5.43 21.10
C GLU B 431 -20.09 6.52 20.66
N LEU B 432 -18.94 6.12 20.10
CA LEU B 432 -17.99 7.11 19.55
C LEU B 432 -18.61 7.87 18.37
N VAL B 433 -19.25 7.16 17.45
CA VAL B 433 -19.92 7.82 16.33
C VAL B 433 -21.05 8.68 16.84
N GLY B 434 -21.88 8.12 17.73
CA GLY B 434 -22.89 8.93 18.39
C GLY B 434 -22.32 10.21 18.96
N GLU B 435 -21.22 10.10 19.70
CA GLU B 435 -20.60 11.30 20.27
C GLU B 435 -20.24 12.31 19.18
N GLY B 436 -19.74 11.84 18.04
CA GLY B 436 -19.44 12.78 16.97
C GLY B 436 -20.66 13.47 16.45
N VAL B 437 -21.81 12.78 16.48
CA VAL B 437 -23.05 13.38 15.98
C VAL B 437 -23.51 14.51 16.88
N ALA B 438 -23.46 14.31 18.20
CA ALA B 438 -23.74 15.39 19.14
C ALA B 438 -22.90 16.63 18.85
N LYS B 439 -21.57 16.46 18.78
CA LYS B 439 -20.69 17.62 18.61
C LYS B 439 -21.04 18.45 17.39
N ARG B 440 -21.60 17.86 16.34
CA ARG B 440 -21.96 18.65 15.16
C ARG B 440 -23.39 19.19 15.23
N ALA B 441 -24.13 18.93 16.33
CA ALA B 441 -25.46 19.50 16.52
C ALA B 441 -25.47 20.70 17.47
N HIS B 442 -24.39 20.94 18.20
CA HIS B 442 -24.34 22.05 19.13
C HIS B 442 -22.93 22.37 19.55
O6 BU3 C . 11.81 22.36 3.06
C3 BU3 C . 11.21 21.89 4.26
C4 BU3 C . 12.29 21.61 5.29
C2 BU3 C . 10.32 20.73 3.81
O5 BU3 C . 11.11 19.71 3.20
C1 BU3 C . 9.21 21.10 2.85
HO6 BU3 C . 11.22 22.78 2.62
H3 BU3 C . 10.65 22.53 4.72
H41 BU3 C . 12.73 20.77 5.11
H42 BU3 C . 12.96 22.31 5.28
H43 BU3 C . 11.91 21.56 6.18
H2 BU3 C . 9.92 20.41 4.63
HO5 BU3 C . 11.09 19.03 3.71
H11 BU3 C . 9.10 22.05 2.78
H12 BU3 C . 8.36 20.72 3.15
H13 BU3 C . 9.39 20.75 1.96
C1 MLI D . 15.23 19.70 8.09
C2 MLI D . 15.46 19.39 9.56
C3 MLI D . 16.01 20.93 7.52
O6 MLI D . 15.78 18.22 9.91
O7 MLI D . 15.26 20.38 10.32
O8 MLI D . 16.94 20.70 6.73
O9 MLI D . 15.63 22.09 7.88
H11 MLI D . 14.29 19.85 7.92
H12 MLI D . 15.48 18.94 7.55
O6 BU3 E . 3.21 18.14 0.38
C3 BU3 E . 3.66 16.92 0.94
C4 BU3 E . 4.66 17.16 2.04
C2 BU3 E . 4.17 15.99 -0.17
O5 BU3 E . 3.19 15.76 -1.19
C1 BU3 E . 4.63 14.67 0.42
HO6 BU3 E . 2.46 18.33 0.73
H3 BU3 E . 2.90 16.48 1.34
H41 BU3 E . 4.21 17.37 2.87
H42 BU3 E . 5.24 17.90 1.82
H43 BU3 E . 5.21 16.38 2.18
H2 BU3 E . 4.89 16.45 -0.62
HO5 BU3 E . 3.58 15.84 -1.95
H11 BU3 E . 4.38 13.93 -0.16
H12 BU3 E . 5.60 14.66 0.51
H13 BU3 E . 4.24 14.53 1.29
O6 BU3 F . -5.35 55.95 16.83
C3 BU3 F . -6.72 55.66 16.63
C4 BU3 F . -7.22 54.51 17.48
C2 BU3 F . -6.96 55.45 15.13
O5 BU3 F . -5.73 55.47 14.42
C1 BU3 F . -7.96 56.48 14.63
HO6 BU3 F . -5.29 56.48 17.49
H3 BU3 F . -7.23 56.43 16.93
H41 BU3 F . -7.13 54.72 18.43
H42 BU3 F . -6.69 53.71 17.31
H43 BU3 F . -8.15 54.31 17.30
H2 BU3 F . -7.31 54.57 14.97
HO5 BU3 F . -5.78 54.87 13.82
H11 BU3 F . -8.81 56.39 15.09
H12 BU3 F . -7.63 57.38 14.78
H13 BU3 F . -8.12 56.36 13.68
O6 BU3 G . 1.14 46.70 7.38
C3 BU3 G . -0.19 47.22 7.63
C4 BU3 G . -0.99 46.01 8.08
C2 BU3 G . -0.71 48.08 6.47
O5 BU3 G . -0.21 49.43 6.61
C1 BU3 G . -2.19 48.15 6.25
HO6 BU3 G . 1.64 46.93 8.01
H3 BU3 G . -0.21 47.88 8.34
H41 BU3 G . -0.49 45.19 7.97
H42 BU3 G . -1.82 45.94 7.57
H43 BU3 G . -1.24 46.09 9.02
H2 BU3 G . -0.34 47.64 5.69
HO5 BU3 G . 0.14 49.66 5.88
H11 BU3 G . -2.52 47.32 5.87
H12 BU3 G . -2.42 48.87 5.64
H13 BU3 G . -2.66 48.30 7.08
O6 BU3 H . 1.76 2.04 7.22
C3 BU3 H . 2.89 2.54 7.93
C4 BU3 H . 3.56 1.43 8.70
C2 BU3 H . 2.38 3.76 8.73
O5 BU3 H . 3.17 4.91 8.57
C1 BU3 H . 2.14 3.49 10.20
HO6 BU3 H . 1.98 1.88 6.42
H3 BU3 H . 3.60 2.88 7.36
H41 BU3 H . 2.91 0.89 9.17
H42 BU3 H . 4.05 0.84 8.10
H43 BU3 H . 4.20 1.78 9.35
H2 BU3 H . 1.53 3.96 8.30
HO5 BU3 H . 2.68 5.52 8.24
H11 BU3 H . 1.79 4.28 10.65
H12 BU3 H . 2.96 3.23 10.65
H13 BU3 H . 1.49 2.77 10.32
O6 BU3 I . 14.05 33.20 19.45
C3 BU3 I . 13.64 31.84 19.45
C4 BU3 I . 12.90 31.44 20.73
C2 BU3 I . 14.83 30.89 19.23
O5 BU3 I . 14.40 29.54 19.30
C1 BU3 I . 15.93 31.22 20.24
HO6 BU3 I . 13.50 33.63 18.97
H3 BU3 I . 13.05 31.80 18.69
H41 BU3 I . 12.70 30.49 20.71
H42 BU3 I . 12.08 31.93 20.81
H43 BU3 I . 13.46 31.62 21.51
H2 BU3 I . 15.19 30.98 18.33
HO5 BU3 I . 14.68 29.15 18.60
H11 BU3 I . 15.67 30.98 21.13
H12 BU3 I . 16.75 30.75 20.03
H13 BU3 I . 16.13 32.17 20.23
O6 BU3 J . 5.27 -3.89 -14.52
C3 BU3 J . 4.06 -4.36 -15.07
C4 BU3 J . 2.85 -4.06 -14.25
C2 BU3 J . 4.19 -5.86 -15.27
O5 BU3 J . 5.54 -6.17 -15.55
C1 BU3 J . 3.25 -6.40 -16.33
HO6 BU3 J . 5.42 -3.12 -14.85
H3 BU3 J . 3.97 -3.88 -15.91
H41 BU3 J . 2.43 -4.88 -13.94
H42 BU3 J . 2.19 -3.58 -14.77
H43 BU3 J . 3.07 -3.54 -13.47
H2 BU3 J . 3.95 -6.31 -14.45
HO5 BU3 J . 5.73 -6.90 -15.16
H11 BU3 J . 2.40 -5.96 -16.28
H12 BU3 J . 3.62 -6.26 -17.22
H13 BU3 J . 3.12 -7.35 -16.21
O6 BU3 K . 1.00 -6.93 -22.15
C3 BU3 K . 0.13 -6.32 -23.11
C4 BU3 K . -0.23 -4.91 -22.66
C2 BU3 K . -1.05 -7.26 -23.33
O5 BU3 K . -0.60 -8.60 -23.40
C1 BU3 K . -1.89 -6.98 -24.54
HO6 BU3 K . 1.79 -6.92 -22.45
H3 BU3 K . 0.57 -6.23 -23.95
H41 BU3 K . -0.04 -4.27 -23.37
H42 BU3 K . 0.29 -4.66 -21.87
H43 BU3 K . -1.17 -4.84 -22.44
H2 BU3 K . -1.61 -7.13 -22.55
HO5 BU3 K . -1.26 -9.11 -23.55
H11 BU3 K . -2.36 -7.78 -24.83
H12 BU3 K . -1.35 -6.66 -25.28
H13 BU3 K . -2.56 -6.30 -24.34
O6 BU3 L . -5.73 -20.86 -32.90
C3 BU3 L . -7.12 -21.07 -32.77
C4 BU3 L . -7.82 -20.01 -31.94
C2 BU3 L . -7.36 -22.49 -32.24
O5 BU3 L . -6.16 -23.08 -31.81
C1 BU3 L . -8.02 -23.39 -33.26
HO6 BU3 L . -5.60 -20.38 -33.59
H3 BU3 L . -7.49 -20.98 -33.66
H41 BU3 L . -8.78 -20.19 -31.88
H42 BU3 L . -7.46 -20.00 -31.03
H43 BU3 L . -7.70 -19.13 -32.32
H2 BU3 L . -7.95 -22.40 -31.47
HO5 BU3 L . -6.33 -23.54 -31.10
H11 BU3 L . -8.86 -23.01 -33.57
H12 BU3 L . -8.20 -24.27 -32.89
H13 BU3 L . -7.45 -23.51 -34.04
O6 BU3 M . 3.87 -17.27 22.98
C3 BU3 M . 2.80 -17.98 22.34
C4 BU3 M . 2.25 -19.08 23.25
C2 BU3 M . 3.22 -18.48 20.96
O5 BU3 M . 2.24 -18.23 19.96
C1 BU3 M . 3.53 -19.98 20.99
HO6 BU3 M . 3.57 -16.52 23.23
H3 BU3 M . 2.10 -17.33 22.21
H41 BU3 M . 1.60 -19.61 22.77
H42 BU3 M . 2.97 -19.67 23.55
H43 BU3 M . 1.82 -18.70 24.03
H2 BU3 M . 4.00 -17.97 20.69
HO5 BU3 M . 2.62 -17.79 19.33
H11 BU3 M . 2.72 -20.50 21.11
H12 BU3 M . 3.95 -20.27 20.17
H13 BU3 M . 4.13 -20.19 21.72
#